data_5HMN
#
_entry.id   5HMN
#
_cell.length_a   58.270
_cell.length_b   62.756
_cell.length_c   253.612
_cell.angle_alpha   90.00
_cell.angle_beta   90.00
_cell.angle_gamma   90.00
#
_symmetry.space_group_name_H-M   'P 21 21 21'
#
loop_
_entity.id
_entity.type
_entity.pdbx_description
1 polymer AAC3-I
2 non-polymer 'COENZYME A'
3 non-polymer 'TETRAETHYLENE GLYCOL'
4 water water
#
_entity_poly.entity_id   1
_entity_poly.type   'polypeptide(L)'
_entity_poly.pdbx_seq_one_letter_code
;QSMSLDVHQLSPNEVALMETLLATFGEAFNDMETYTGNRPRGAYSRRLLESDYFIALAALEYGEIVGGLAAYELKKFEQE
RSEIYIYDLAVAKAHRRRGIATALIEKLKELGAARGAYVIFVQADTAIEDEPAIALYSKLGVREEVLHFDIPVSQNNVD
;
_entity_poly.pdbx_strand_id   A,B,C,D,E,F
#
loop_
_chem_comp.id
_chem_comp.type
_chem_comp.name
_chem_comp.formula
COA non-polymer 'COENZYME A' 'C21 H36 N7 O16 P3 S'
PG4 non-polymer 'TETRAETHYLENE GLYCOL' 'C8 H18 O5'
#
# COMPACT_ATOMS: atom_id res chain seq x y z
N SER A 4 28.27 -38.69 10.71
CA SER A 4 27.17 -38.28 11.57
C SER A 4 25.97 -37.84 10.72
N LEU A 5 25.43 -36.66 10.99
CA LEU A 5 24.18 -36.25 10.33
C LEU A 5 24.42 -35.51 9.01
N ASP A 6 23.72 -35.96 7.96
CA ASP A 6 23.80 -35.32 6.66
C ASP A 6 22.41 -35.20 6.03
N VAL A 7 21.97 -33.96 5.84
CA VAL A 7 20.70 -33.71 5.15
C VAL A 7 20.96 -33.50 3.68
N HIS A 8 20.41 -34.36 2.84
CA HIS A 8 20.77 -34.42 1.44
C HIS A 8 19.54 -34.31 0.52
N GLN A 9 19.53 -33.32 -0.36
CA GLN A 9 18.43 -33.22 -1.33
C GLN A 9 18.62 -34.24 -2.44
N LEU A 10 17.59 -35.03 -2.70
CA LEU A 10 17.68 -36.10 -3.70
C LEU A 10 17.62 -35.53 -5.12
N SER A 11 18.53 -36.00 -5.98
CA SER A 11 18.54 -35.63 -7.38
C SER A 11 17.83 -36.71 -8.19
N PRO A 12 17.52 -36.43 -9.46
CA PRO A 12 16.94 -37.46 -10.33
C PRO A 12 17.81 -38.72 -10.48
N ASN A 13 19.09 -38.62 -10.16
CA ASN A 13 20.01 -39.75 -10.24
C ASN A 13 19.94 -40.64 -8.98
N GLU A 14 19.09 -40.26 -8.04
CA GLU A 14 19.05 -40.95 -6.74
C GLU A 14 17.68 -41.54 -6.43
N VAL A 15 17.03 -42.10 -7.44
CA VAL A 15 15.71 -42.71 -7.26
C VAL A 15 15.77 -43.86 -6.25
N ALA A 16 16.89 -44.58 -6.23
CA ALA A 16 17.10 -45.66 -5.27
C ALA A 16 17.00 -45.16 -3.82
N LEU A 17 17.48 -43.95 -3.57
CA LEU A 17 17.38 -43.33 -2.24
C LEU A 17 15.94 -42.99 -1.91
N MET A 18 15.21 -42.53 -2.92
CA MET A 18 13.80 -42.16 -2.75
C MET A 18 12.97 -43.36 -2.29
N GLU A 19 13.29 -44.53 -2.84
CA GLU A 19 12.56 -45.76 -2.51
C GLU A 19 12.83 -46.19 -1.08
N THR A 20 14.06 -45.99 -0.60
CA THR A 20 14.41 -46.26 0.78
C THR A 20 13.70 -45.28 1.73
N LEU A 21 13.62 -44.03 1.31
CA LEU A 21 12.90 -43.01 2.07
C LEU A 21 11.41 -43.37 2.23
N LEU A 22 10.84 -43.95 1.19
CA LEU A 22 9.44 -44.38 1.23
C LEU A 22 9.21 -45.43 2.32
N ALA A 23 10.18 -46.33 2.50
CA ALA A 23 10.12 -47.32 3.57
C ALA A 23 10.22 -46.67 4.93
N THR A 24 11.00 -45.59 5.01
CA THR A 24 11.12 -44.81 6.24
C THR A 24 9.81 -44.12 6.59
N PHE A 25 9.14 -43.56 5.58
CA PHE A 25 7.82 -42.95 5.75
C PHE A 25 6.82 -43.98 6.23
N GLY A 26 6.82 -45.14 5.57
CA GLY A 26 5.90 -46.22 5.90
C GLY A 26 6.00 -46.67 7.35
N GLU A 27 7.22 -46.80 7.84
CA GLU A 27 7.43 -47.22 9.22
C GLU A 27 6.99 -46.15 10.20
N ALA A 28 7.36 -44.90 9.94
CA ALA A 28 7.08 -43.81 10.86
C ALA A 28 5.60 -43.47 10.92
N PHE A 29 4.90 -43.67 9.82
CA PHE A 29 3.47 -43.39 9.75
C PHE A 29 2.63 -44.63 10.06
N ASN A 30 3.30 -45.75 10.34
CA ASN A 30 2.64 -47.03 10.56
C ASN A 30 1.68 -47.38 9.42
N ASP A 31 2.16 -47.19 8.19
CA ASP A 31 1.36 -47.47 7.00
C ASP A 31 2.26 -47.95 5.87
N MET A 32 2.74 -49.17 5.99
CA MET A 32 3.66 -49.72 4.99
C MET A 32 3.01 -49.93 3.64
N GLU A 33 1.72 -50.24 3.59
CA GLU A 33 1.17 -50.59 2.30
C GLU A 33 0.92 -49.34 1.45
N THR A 34 0.52 -48.23 2.07
CA THR A 34 0.39 -46.98 1.31
C THR A 34 1.72 -46.54 0.71
N TYR A 35 2.79 -46.65 1.48
CA TYR A 35 4.08 -46.13 1.06
C TYR A 35 5.00 -47.12 0.34
N THR A 36 4.76 -48.41 0.52
CA THR A 36 5.63 -49.43 -0.10
C THR A 36 4.86 -50.51 -0.86
N GLY A 37 3.54 -50.53 -0.73
CA GLY A 37 2.73 -51.56 -1.35
C GLY A 37 2.68 -51.47 -2.86
N ASN A 38 2.57 -50.26 -3.39
CA ASN A 38 2.48 -50.07 -4.84
C ASN A 38 3.39 -48.95 -5.30
N ARG A 39 4.70 -49.17 -5.16
CA ARG A 39 5.68 -48.15 -5.50
C ARG A 39 5.67 -47.84 -7.00
N PRO A 40 5.90 -46.58 -7.36
CA PRO A 40 5.89 -46.15 -8.76
C PRO A 40 7.00 -46.79 -9.57
N ARG A 41 6.82 -46.83 -10.89
CA ARG A 41 7.90 -47.17 -11.80
C ARG A 41 9.04 -46.18 -11.58
N GLY A 42 10.28 -46.64 -11.77
CA GLY A 42 11.44 -45.79 -11.58
C GLY A 42 11.40 -44.55 -12.46
N ALA A 43 10.88 -44.73 -13.69
CA ALA A 43 10.81 -43.64 -14.66
C ALA A 43 9.91 -42.51 -14.18
N TYR A 44 8.79 -42.88 -13.56
CA TYR A 44 7.87 -41.91 -12.96
C TYR A 44 8.58 -41.16 -11.82
N SER A 45 9.33 -41.89 -11.01
CA SER A 45 10.02 -41.31 -9.86
C SER A 45 11.13 -40.36 -10.29
N ARG A 46 11.84 -40.73 -11.36
CA ARG A 46 12.88 -39.86 -11.90
C ARG A 46 12.30 -38.57 -12.45
N ARG A 47 11.17 -38.66 -13.16
CA ARG A 47 10.53 -37.48 -13.73
CA ARG A 47 10.51 -37.49 -13.74
C ARG A 47 9.98 -36.54 -12.65
N LEU A 48 9.54 -37.11 -11.54
CA LEU A 48 9.07 -36.29 -10.42
C LEU A 48 10.25 -35.53 -9.81
N LEU A 49 11.37 -36.22 -9.63
CA LEU A 49 12.57 -35.59 -9.08
C LEU A 49 13.17 -34.57 -10.04
N GLU A 50 12.90 -34.76 -11.33
CA GLU A 50 13.34 -33.82 -12.37
C GLU A 50 12.51 -32.55 -12.38
N SER A 51 11.30 -32.61 -11.84
CA SER A 51 10.37 -31.48 -11.94
C SER A 51 10.84 -30.29 -11.12
N ASP A 52 10.44 -29.10 -11.53
CA ASP A 52 10.81 -27.86 -10.84
C ASP A 52 10.20 -27.71 -9.44
N TYR A 53 9.05 -28.33 -9.20
CA TYR A 53 8.30 -28.05 -7.98
C TYR A 53 8.52 -29.07 -6.85
N PHE A 54 9.03 -30.25 -7.18
CA PHE A 54 9.16 -31.30 -6.16
C PHE A 54 10.49 -31.23 -5.44
N ILE A 55 10.45 -31.36 -4.12
CA ILE A 55 11.64 -31.34 -3.29
C ILE A 55 11.61 -32.54 -2.36
N ALA A 56 12.64 -33.36 -2.42
CA ALA A 56 12.76 -34.49 -1.50
C ALA A 56 14.08 -34.40 -0.74
N LEU A 57 14.00 -34.43 0.58
CA LEU A 57 15.19 -34.37 1.44
C LEU A 57 15.33 -35.66 2.23
N ALA A 58 16.56 -36.15 2.35
CA ALA A 58 16.85 -37.32 3.15
C ALA A 58 17.89 -37.02 4.22
N ALA A 59 17.62 -37.45 5.45
CA ALA A 59 18.59 -37.32 6.52
C ALA A 59 19.33 -38.64 6.70
N LEU A 60 20.66 -38.58 6.60
CA LEU A 60 21.47 -39.79 6.68
C LEU A 60 22.42 -39.78 7.87
N GLU A 61 22.46 -40.91 8.58
CA GLU A 61 23.43 -41.13 9.65
C GLU A 61 24.31 -42.31 9.31
N TYR A 62 25.60 -42.05 9.09
CA TYR A 62 26.58 -43.07 8.72
C TYR A 62 26.14 -43.88 7.50
N GLY A 63 25.46 -43.23 6.57
CA GLY A 63 25.03 -43.88 5.34
C GLY A 63 23.66 -44.51 5.44
N GLU A 64 23.03 -44.39 6.60
CA GLU A 64 21.68 -44.92 6.78
C GLU A 64 20.64 -43.80 6.76
N ILE A 65 19.59 -43.98 5.98
CA ILE A 65 18.49 -43.02 5.95
C ILE A 65 17.64 -43.17 7.21
N VAL A 66 17.57 -42.10 8.00
CA VAL A 66 16.87 -42.13 9.29
C VAL A 66 15.74 -41.10 9.34
N GLY A 67 15.54 -40.39 8.25
CA GLY A 67 14.48 -39.40 8.19
C GLY A 67 14.37 -38.77 6.83
N GLY A 68 13.29 -38.03 6.60
CA GLY A 68 13.14 -37.35 5.34
C GLY A 68 11.97 -36.40 5.25
N LEU A 69 11.90 -35.70 4.13
CA LEU A 69 10.89 -34.67 3.92
C LEU A 69 10.53 -34.63 2.43
N ALA A 70 9.23 -34.57 2.14
CA ALA A 70 8.78 -34.34 0.77
C ALA A 70 7.95 -33.08 0.72
N ALA A 71 8.31 -32.17 -0.18
CA ALA A 71 7.59 -30.90 -0.28
C ALA A 71 7.33 -30.51 -1.72
N TYR A 72 6.40 -29.58 -1.90
CA TYR A 72 6.07 -29.04 -3.21
C TYR A 72 6.19 -27.54 -3.20
N GLU A 73 6.94 -26.97 -4.15
CA GLU A 73 6.96 -25.53 -4.30
C GLU A 73 5.77 -25.06 -5.13
N LEU A 74 4.96 -24.18 -4.56
CA LEU A 74 3.79 -23.67 -5.28
C LEU A 74 4.05 -22.24 -5.76
N LYS A 75 4.32 -22.10 -7.06
CA LYS A 75 4.48 -20.78 -7.66
C LYS A 75 3.15 -20.06 -7.69
N LYS A 76 3.09 -18.89 -7.07
CA LYS A 76 1.83 -18.19 -6.87
C LYS A 76 1.41 -17.41 -8.11
N PHE A 77 0.12 -17.13 -8.20
CA PHE A 77 -0.45 -16.54 -9.40
C PHE A 77 -0.76 -15.07 -9.19
N GLU A 78 -0.98 -14.67 -7.94
CA GLU A 78 -1.39 -13.30 -7.63
C GLU A 78 -0.20 -12.36 -7.64
N GLN A 79 0.97 -12.90 -7.32
CA GLN A 79 2.22 -12.13 -7.29
C GLN A 79 3.37 -13.04 -7.72
N GLU A 80 4.48 -12.44 -8.11
CA GLU A 80 5.68 -13.21 -8.39
C GLU A 80 6.31 -13.67 -7.09
N ARG A 81 5.84 -14.80 -6.57
CA ARG A 81 6.34 -15.35 -5.33
C ARG A 81 5.96 -16.82 -5.24
N SER A 82 6.53 -17.53 -4.28
CA SER A 82 6.25 -18.96 -4.16
C SER A 82 6.18 -19.39 -2.70
N GLU A 83 5.41 -20.45 -2.46
CA GLU A 83 5.24 -20.99 -1.13
C GLU A 83 5.60 -22.47 -1.15
N ILE A 84 6.26 -22.94 -0.10
CA ILE A 84 6.67 -24.36 -0.07
C ILE A 84 5.75 -25.14 0.87
N TYR A 85 5.08 -26.15 0.32
CA TYR A 85 4.19 -26.98 1.12
C TYR A 85 4.86 -28.31 1.47
N ILE A 86 5.15 -28.49 2.76
CA ILE A 86 5.63 -29.79 3.24
C ILE A 86 4.47 -30.78 3.26
N TYR A 87 4.59 -31.85 2.49
CA TYR A 87 3.53 -32.84 2.45
C TYR A 87 3.78 -33.88 3.51
N ASP A 88 4.95 -34.51 3.50
CA ASP A 88 5.29 -35.52 4.50
C ASP A 88 6.62 -35.22 5.16
N LEU A 89 6.70 -35.43 6.47
CA LEU A 89 7.95 -35.29 7.21
C LEU A 89 8.01 -36.36 8.30
N ALA A 90 9.08 -37.13 8.32
CA ALA A 90 9.19 -38.23 9.28
C ALA A 90 10.63 -38.48 9.71
N VAL A 91 10.80 -38.89 10.96
CA VAL A 91 12.09 -39.31 11.49
C VAL A 91 11.94 -40.68 12.14
N ALA A 92 12.90 -41.58 11.88
CA ALA A 92 12.88 -42.92 12.43
C ALA A 92 12.79 -42.86 13.95
N LYS A 93 11.91 -43.72 14.48
CA LYS A 93 11.61 -43.76 15.91
C LYS A 93 12.84 -43.77 16.81
N ALA A 94 13.80 -44.63 16.49
CA ALA A 94 15.00 -44.77 17.30
C ALA A 94 15.92 -43.56 17.22
N HIS A 95 15.64 -42.66 16.26
CA HIS A 95 16.52 -41.51 16.03
C HIS A 95 15.85 -40.17 16.33
N ARG A 96 14.77 -40.21 17.11
CA ARG A 96 14.02 -38.99 17.40
C ARG A 96 14.61 -38.25 18.59
N ARG A 97 14.23 -36.98 18.74
CA ARG A 97 14.72 -36.09 19.79
C ARG A 97 16.24 -35.89 19.71
N ARG A 98 16.76 -35.81 18.49
CA ARG A 98 18.18 -35.54 18.28
C ARG A 98 18.38 -34.38 17.30
N GLY A 99 17.29 -33.68 16.98
CA GLY A 99 17.37 -32.50 16.13
C GLY A 99 17.32 -32.77 14.63
N ILE A 100 16.97 -33.99 14.25
CA ILE A 100 16.96 -34.38 12.84
C ILE A 100 15.85 -33.65 12.08
N ALA A 101 14.64 -33.62 12.63
CA ALA A 101 13.53 -32.94 11.95
C ALA A 101 13.83 -31.46 11.82
N THR A 102 14.41 -30.87 12.87
CA THR A 102 14.79 -29.47 12.83
C THR A 102 15.82 -29.22 11.73
N ALA A 103 16.74 -30.16 11.56
CA ALA A 103 17.77 -30.04 10.52
C ALA A 103 17.17 -30.13 9.12
N LEU A 104 16.11 -30.92 8.98
CA LEU A 104 15.45 -31.07 7.68
C LEU A 104 14.73 -29.77 7.31
N ILE A 105 14.08 -29.16 8.29
CA ILE A 105 13.36 -27.92 8.03
CA ILE A 105 13.37 -27.90 8.08
C ILE A 105 14.32 -26.75 7.80
N GLU A 106 15.44 -26.75 8.52
CA GLU A 106 16.47 -25.71 8.31
C GLU A 106 17.05 -25.80 6.91
N LYS A 107 17.26 -27.02 6.44
CA LYS A 107 17.73 -27.25 5.08
C LYS A 107 16.72 -26.74 4.05
N LEU A 108 15.43 -26.99 4.33
CA LEU A 108 14.36 -26.57 3.43
C LEU A 108 14.26 -25.04 3.39
N LYS A 109 14.56 -24.40 4.51
CA LYS A 109 14.60 -22.95 4.58
C LYS A 109 15.69 -22.38 3.69
N GLU A 110 16.85 -23.03 3.67
CA GLU A 110 17.94 -22.61 2.80
C GLU A 110 17.57 -22.77 1.34
N LEU A 111 16.99 -23.92 0.99
CA LEU A 111 16.55 -24.16 -0.39
C LEU A 111 15.45 -23.18 -0.79
N GLY A 112 14.56 -22.88 0.15
CA GLY A 112 13.50 -21.93 -0.10
C GLY A 112 14.02 -20.53 -0.38
N ALA A 113 14.96 -20.07 0.45
CA ALA A 113 15.55 -18.75 0.25
C ALA A 113 16.24 -18.66 -1.10
N ALA A 114 16.89 -19.74 -1.50
CA ALA A 114 17.57 -19.81 -2.79
C ALA A 114 16.56 -19.74 -3.93
N ARG A 115 15.43 -20.41 -3.77
CA ARG A 115 14.39 -20.43 -4.79
C ARG A 115 13.57 -19.14 -4.79
N GLY A 116 13.69 -18.37 -3.72
CA GLY A 116 12.95 -17.13 -3.61
C GLY A 116 11.61 -17.28 -2.92
N ALA A 117 11.34 -18.47 -2.39
CA ALA A 117 10.11 -18.70 -1.62
C ALA A 117 10.12 -17.87 -0.35
N TYR A 118 8.94 -17.43 0.11
CA TYR A 118 8.91 -16.54 1.27
C TYR A 118 8.33 -17.23 2.51
N VAL A 119 7.68 -18.35 2.31
CA VAL A 119 7.09 -19.06 3.44
C VAL A 119 7.04 -20.56 3.18
N ILE A 120 7.16 -21.32 4.27
CA ILE A 120 6.95 -22.76 4.25
C ILE A 120 5.75 -23.06 5.12
N PHE A 121 4.81 -23.88 4.62
CA PHE A 121 3.70 -24.27 5.47
C PHE A 121 3.47 -25.78 5.49
N VAL A 122 2.86 -26.25 6.56
CA VAL A 122 2.67 -27.67 6.79
C VAL A 122 1.41 -27.89 7.64
N GLN A 123 0.59 -28.86 7.33
CA GLN A 123 -0.45 -29.38 8.19
CA GLN A 123 -0.46 -29.31 8.24
C GLN A 123 -0.09 -30.41 9.36
N ALA A 124 -0.88 -30.31 10.38
CA ALA A 124 -0.75 -31.27 11.45
C ALA A 124 -2.13 -31.69 11.93
N ASP A 125 -2.29 -32.97 12.27
CA ASP A 125 -3.58 -33.45 12.76
C ASP A 125 -3.77 -33.11 14.23
N THR A 126 -4.93 -33.28 14.78
CA THR A 126 -5.08 -32.93 16.18
C THR A 126 -4.91 -34.05 17.21
N ALA A 127 -4.70 -35.25 16.74
CA ALA A 127 -4.59 -36.44 17.55
C ALA A 127 -3.41 -36.44 18.46
N ILE A 128 -3.48 -37.31 19.44
CA ILE A 128 -2.47 -37.43 20.44
C ILE A 128 -1.16 -37.83 19.86
N GLU A 129 -1.16 -38.61 18.80
CA GLU A 129 0.14 -39.04 18.29
C GLU A 129 0.91 -37.97 17.55
N ASP A 130 0.27 -36.83 17.35
CA ASP A 130 0.84 -35.78 16.52
C ASP A 130 1.42 -34.68 17.37
N GLU A 131 1.36 -34.86 18.69
CA GLU A 131 1.87 -33.86 19.64
C GLU A 131 3.35 -33.52 19.47
N PRO A 132 4.22 -34.52 19.25
CA PRO A 132 5.61 -34.15 18.95
C PRO A 132 5.75 -33.28 17.72
N ALA A 133 4.94 -33.54 16.68
CA ALA A 133 4.95 -32.73 15.47
C ALA A 133 4.42 -31.33 15.74
N ILE A 134 3.29 -31.27 16.44
CA ILE A 134 2.71 -30.00 16.83
C ILE A 134 3.69 -29.18 17.66
N ALA A 135 4.38 -29.83 18.60
CA ALA A 135 5.38 -29.15 19.43
C ALA A 135 6.53 -28.59 18.58
N LEU A 136 6.92 -29.37 17.57
CA LEU A 136 7.98 -28.95 16.65
C LEU A 136 7.58 -27.73 15.82
N TYR A 137 6.43 -27.82 15.17
CA TYR A 137 5.96 -26.78 14.28
C TYR A 137 5.61 -25.49 15.02
N SER A 138 5.14 -25.63 16.26
CA SER A 138 4.71 -24.47 17.04
C SER A 138 5.86 -23.52 17.37
N LYS A 139 7.07 -24.05 17.46
CA LYS A 139 8.22 -23.20 17.73
C LYS A 139 8.80 -22.58 16.45
N LEU A 140 8.46 -23.17 15.29
CA LEU A 140 9.03 -22.74 14.03
C LEU A 140 8.10 -21.82 13.25
N GLY A 141 6.80 -21.96 13.48
CA GLY A 141 5.83 -21.21 12.70
C GLY A 141 4.63 -20.72 13.46
N VAL A 142 3.77 -19.96 12.79
CA VAL A 142 2.55 -19.43 13.40
C VAL A 142 1.42 -20.44 13.25
N ARG A 143 0.74 -20.75 14.35
CA ARG A 143 -0.26 -21.80 14.38
C ARG A 143 -1.65 -21.27 14.03
N GLU A 144 -2.38 -22.05 13.24
CA GLU A 144 -3.74 -21.68 12.84
C GLU A 144 -4.65 -22.90 12.74
N GLU A 145 -5.85 -22.80 13.30
CA GLU A 145 -6.81 -23.89 13.22
C GLU A 145 -7.60 -23.83 11.91
N VAL A 146 -7.60 -24.94 11.18
CA VAL A 146 -8.11 -24.98 9.82
C VAL A 146 -9.02 -26.18 9.61
N LEU A 147 -10.02 -26.03 8.75
CA LEU A 147 -10.84 -27.16 8.33
C LEU A 147 -10.36 -27.67 6.98
N HIS A 148 -10.10 -28.95 6.89
CA HIS A 148 -9.63 -29.57 5.69
C HIS A 148 -10.66 -30.52 5.11
N PHE A 149 -10.94 -30.42 3.83
CA PHE A 149 -11.99 -31.20 3.17
C PHE A 149 -11.47 -32.08 2.03
N ASP A 150 -11.75 -33.38 2.11
CA ASP A 150 -11.43 -34.32 1.03
C ASP A 150 -12.60 -34.55 0.12
N ILE A 151 -12.48 -34.14 -1.13
CA ILE A 151 -13.50 -34.30 -2.11
C ILE A 151 -13.10 -35.36 -3.14
N PRO A 152 -13.93 -36.47 -3.17
CA PRO A 152 -13.57 -37.51 -4.14
C PRO A 152 -13.79 -37.16 -5.61
N VAL A 153 -12.92 -37.67 -6.45
CA VAL A 153 -12.95 -37.41 -7.87
C VAL A 153 -13.95 -38.30 -8.60
N SER A 154 -13.89 -39.59 -8.35
CA SER A 154 -14.83 -40.49 -9.02
C SER A 154 -15.66 -41.31 -8.04
N GLN B 1 -24.30 -19.52 -25.74
CA GLN B 1 -23.58 -20.00 -24.58
C GLN B 1 -23.26 -18.90 -23.57
N SER B 2 -23.42 -17.65 -23.94
CA SER B 2 -23.11 -16.60 -22.97
C SER B 2 -24.31 -16.42 -22.05
N MET B 3 -25.45 -16.94 -22.46
CA MET B 3 -26.69 -16.79 -21.70
C MET B 3 -26.86 -17.90 -20.67
N SER B 4 -25.80 -18.63 -20.42
CA SER B 4 -25.80 -19.71 -19.44
C SER B 4 -24.42 -19.84 -18.81
N LEU B 5 -24.39 -20.28 -17.54
CA LEU B 5 -23.14 -20.42 -16.80
C LEU B 5 -22.22 -21.43 -17.46
N ASP B 6 -20.97 -21.04 -17.66
CA ASP B 6 -19.98 -21.94 -18.25
C ASP B 6 -18.63 -21.81 -17.56
N VAL B 7 -17.98 -22.94 -17.31
CA VAL B 7 -16.66 -22.95 -16.70
C VAL B 7 -15.64 -23.55 -17.67
N HIS B 8 -14.51 -22.87 -17.83
CA HIS B 8 -13.46 -23.42 -18.67
C HIS B 8 -12.10 -23.18 -18.05
N GLN B 9 -11.13 -24.00 -18.44
CA GLN B 9 -9.77 -23.85 -17.98
C GLN B 9 -9.01 -22.87 -18.86
N LEU B 10 -8.31 -21.95 -18.22
CA LEU B 10 -7.56 -20.91 -18.93
C LEU B 10 -6.35 -21.52 -19.64
N SER B 11 -6.19 -21.14 -20.91
CA SER B 11 -5.03 -21.55 -21.70
C SER B 11 -3.92 -20.50 -21.51
N PRO B 12 -2.68 -20.82 -21.95
CA PRO B 12 -1.59 -19.84 -21.84
C PRO B 12 -1.85 -18.52 -22.59
N ASN B 13 -2.77 -18.55 -23.55
CA ASN B 13 -3.11 -17.34 -24.30
C ASN B 13 -4.12 -16.47 -23.56
N GLU B 14 -4.53 -16.88 -22.38
CA GLU B 14 -5.57 -16.14 -21.65
C GLU B 14 -5.03 -15.44 -20.41
N VAL B 15 -3.89 -14.75 -20.57
CA VAL B 15 -3.31 -14.01 -19.45
C VAL B 15 -4.18 -12.83 -19.06
N ALA B 16 -4.82 -12.21 -20.05
CA ALA B 16 -5.72 -11.08 -19.78
C ALA B 16 -6.89 -11.52 -18.92
N LEU B 17 -7.43 -12.70 -19.19
CA LEU B 17 -8.51 -13.24 -18.37
C LEU B 17 -8.01 -13.57 -16.96
N MET B 18 -6.78 -14.04 -16.89
CA MET B 18 -6.17 -14.37 -15.60
C MET B 18 -6.08 -13.14 -14.70
N GLU B 19 -5.74 -12.00 -15.29
CA GLU B 19 -5.59 -10.77 -14.51
C GLU B 19 -6.95 -10.26 -14.04
N THR B 20 -7.97 -10.45 -14.87
CA THR B 20 -9.32 -10.09 -14.48
C THR B 20 -9.80 -11.00 -13.36
N LEU B 21 -9.38 -12.26 -13.43
CA LEU B 21 -9.69 -13.23 -12.40
C LEU B 21 -9.06 -12.85 -11.05
N LEU B 22 -7.88 -12.24 -11.08
CA LEU B 22 -7.22 -11.77 -9.87
C LEU B 22 -8.05 -10.69 -9.17
N ALA B 23 -8.70 -9.85 -9.96
CA ALA B 23 -9.59 -8.82 -9.41
C ALA B 23 -10.82 -9.46 -8.76
N THR B 24 -11.27 -10.58 -9.33
CA THR B 24 -12.38 -11.33 -8.77
C THR B 24 -12.01 -11.92 -7.40
N PHE B 25 -10.82 -12.49 -7.31
CA PHE B 25 -10.30 -13.01 -6.05
C PHE B 25 -10.19 -11.90 -5.00
N GLY B 26 -9.61 -10.78 -5.40
CA GLY B 26 -9.43 -9.64 -4.51
C GLY B 26 -10.71 -9.12 -3.89
N GLU B 27 -11.76 -8.99 -4.71
CA GLU B 27 -13.03 -8.48 -4.23
C GLU B 27 -13.75 -9.50 -3.35
N ALA B 28 -13.71 -10.76 -3.77
CA ALA B 28 -14.40 -11.82 -3.03
C ALA B 28 -13.75 -12.08 -1.67
N PHE B 29 -12.43 -11.92 -1.60
CA PHE B 29 -11.70 -12.19 -0.36
C PHE B 29 -11.51 -10.92 0.44
N ASN B 30 -12.03 -9.81 -0.08
CA ASN B 30 -11.85 -8.48 0.50
C ASN B 30 -10.37 -8.17 0.74
N ASP B 31 -9.56 -8.37 -0.30
CA ASP B 31 -8.13 -8.14 -0.20
C ASP B 31 -7.56 -7.78 -1.56
N MET B 32 -7.85 -6.56 -2.01
CA MET B 32 -7.50 -6.12 -3.36
C MET B 32 -6.00 -5.91 -3.54
N GLU B 33 -5.30 -5.55 -2.47
CA GLU B 33 -3.88 -5.22 -2.59
C GLU B 33 -3.03 -6.49 -2.73
N THR B 34 -3.48 -7.58 -2.13
CA THR B 34 -2.77 -8.85 -2.26
C THR B 34 -2.88 -9.39 -3.69
N TYR B 35 -4.08 -9.32 -4.25
CA TYR B 35 -4.34 -9.96 -5.53
C TYR B 35 -4.18 -9.03 -6.74
N THR B 36 -4.20 -7.72 -6.50
CA THR B 36 -4.07 -6.78 -7.62
C THR B 36 -3.01 -5.71 -7.40
N GLY B 37 -2.50 -5.61 -6.18
CA GLY B 37 -1.56 -4.56 -5.82
C GLY B 37 -0.18 -4.75 -6.41
N ASN B 38 0.18 -6.01 -6.68
CA ASN B 38 1.48 -6.32 -7.27
C ASN B 38 1.40 -7.48 -8.26
N ARG B 39 0.64 -7.28 -9.32
CA ARG B 39 0.44 -8.32 -10.32
C ARG B 39 1.75 -8.69 -11.03
N PRO B 40 1.93 -9.97 -11.33
CA PRO B 40 3.12 -10.45 -12.04
C PRO B 40 3.17 -9.94 -13.47
N ARG B 41 4.35 -9.95 -14.06
CA ARG B 41 4.51 -9.61 -15.47
C ARG B 41 3.77 -10.63 -16.33
N GLY B 42 3.44 -10.24 -17.55
CA GLY B 42 2.71 -11.12 -18.44
C GLY B 42 3.44 -12.42 -18.73
N ALA B 43 4.77 -12.34 -18.80
CA ALA B 43 5.59 -13.51 -19.13
C ALA B 43 5.58 -14.53 -18.00
N TYR B 44 5.51 -14.05 -16.77
CA TYR B 44 5.44 -14.92 -15.60
C TYR B 44 4.10 -15.67 -15.59
N SER B 45 3.03 -14.94 -15.86
CA SER B 45 1.69 -15.52 -15.86
C SER B 45 1.51 -16.56 -16.96
N ARG B 46 2.07 -16.30 -18.14
CA ARG B 46 1.98 -17.25 -19.23
C ARG B 46 2.76 -18.52 -18.90
N ARG B 47 3.93 -18.36 -18.29
CA ARG B 47 4.76 -19.51 -17.88
C ARG B 47 4.04 -20.40 -16.87
N LEU B 48 3.31 -19.76 -15.96
CA LEU B 48 2.55 -20.51 -14.97
C LEU B 48 1.41 -21.28 -15.64
N LEU B 49 0.74 -20.62 -16.57
CA LEU B 49 -0.36 -21.24 -17.30
C LEU B 49 0.14 -22.37 -18.20
N GLU B 50 1.40 -22.27 -18.62
CA GLU B 50 2.04 -23.31 -19.44
C GLU B 50 2.43 -24.52 -18.62
N SER B 51 2.55 -24.35 -17.31
CA SER B 51 3.10 -25.40 -16.45
C SER B 51 2.16 -26.59 -16.38
N ASP B 52 2.71 -27.74 -15.99
CA ASP B 52 1.95 -28.98 -15.93
C ASP B 52 0.99 -29.08 -14.74
N TYR B 53 1.38 -28.55 -13.60
CA TYR B 53 0.58 -28.69 -12.38
C TYR B 53 -0.37 -27.56 -12.01
N PHE B 54 -0.28 -26.43 -12.69
CA PHE B 54 -1.17 -25.33 -12.34
C PHE B 54 -2.47 -25.40 -13.13
N ILE B 55 -3.57 -25.14 -12.43
CA ILE B 55 -4.92 -25.18 -13.02
C ILE B 55 -5.69 -23.92 -12.63
N ALA B 56 -6.08 -23.14 -13.64
CA ALA B 56 -6.91 -21.96 -13.42
C ALA B 56 -8.25 -22.11 -14.14
N LEU B 57 -9.33 -21.97 -13.37
CA LEU B 57 -10.69 -22.09 -13.90
CA LEU B 57 -10.69 -22.09 -13.90
C LEU B 57 -11.42 -20.76 -13.76
N ALA B 58 -12.21 -20.41 -14.78
CA ALA B 58 -13.06 -19.23 -14.71
C ALA B 58 -14.53 -19.60 -14.98
N ALA B 59 -15.42 -19.04 -14.18
CA ALA B 59 -16.85 -19.21 -14.38
C ALA B 59 -17.40 -17.97 -15.06
N LEU B 60 -18.01 -18.14 -16.22
CA LEU B 60 -18.54 -17.01 -16.98
CA LEU B 60 -18.53 -17.01 -16.99
C LEU B 60 -20.03 -17.13 -17.24
N GLU B 61 -20.71 -15.99 -17.19
CA GLU B 61 -22.13 -15.93 -17.49
C GLU B 61 -22.50 -14.51 -17.91
N TYR B 62 -23.25 -14.42 -19.00
CA TYR B 62 -23.68 -13.13 -19.55
C TYR B 62 -22.47 -12.27 -19.96
N GLY B 63 -21.37 -12.94 -20.31
CA GLY B 63 -20.17 -12.24 -20.78
C GLY B 63 -19.27 -11.73 -19.67
N GLU B 64 -19.60 -12.07 -18.44
CA GLU B 64 -18.86 -11.58 -17.27
C GLU B 64 -18.31 -12.73 -16.41
N ILE B 65 -17.13 -12.52 -15.82
CA ILE B 65 -16.61 -13.47 -14.84
C ILE B 65 -17.39 -13.38 -13.54
N VAL B 66 -17.94 -14.51 -13.10
CA VAL B 66 -18.72 -14.54 -11.87
C VAL B 66 -18.07 -15.43 -10.82
N GLY B 67 -16.96 -16.06 -11.17
CA GLY B 67 -16.25 -16.93 -10.25
C GLY B 67 -14.96 -17.48 -10.81
N GLY B 68 -14.15 -18.06 -9.93
CA GLY B 68 -12.87 -18.61 -10.37
C GLY B 68 -12.24 -19.53 -9.36
N LEU B 69 -11.29 -20.32 -9.83
CA LEU B 69 -10.62 -21.31 -8.99
C LEU B 69 -9.16 -21.45 -9.43
N ALA B 70 -8.26 -21.54 -8.46
CA ALA B 70 -6.87 -21.83 -8.75
C ALA B 70 -6.43 -23.06 -7.96
N ALA B 71 -5.84 -24.02 -8.65
CA ALA B 71 -5.48 -25.28 -8.02
C ALA B 71 -4.13 -25.76 -8.49
N TYR B 72 -3.53 -26.67 -7.72
CA TYR B 72 -2.24 -27.26 -8.06
C TYR B 72 -2.37 -28.78 -8.05
N GLU B 73 -1.92 -29.42 -9.12
CA GLU B 73 -1.86 -30.87 -9.16
C GLU B 73 -0.60 -31.36 -8.45
N LEU B 74 -0.77 -32.14 -7.38
CA LEU B 74 0.36 -32.70 -6.65
C LEU B 74 0.56 -34.14 -7.07
N LYS B 75 1.55 -34.38 -7.94
CA LYS B 75 1.90 -35.75 -8.32
C LYS B 75 2.60 -36.44 -7.18
N LYS B 76 2.04 -37.56 -6.72
CA LYS B 76 2.52 -38.18 -5.49
C LYS B 76 3.76 -39.03 -5.71
N PHE B 77 4.53 -39.22 -4.64
CA PHE B 77 5.81 -39.91 -4.72
C PHE B 77 5.71 -41.35 -4.21
N GLU B 78 4.69 -41.64 -3.40
CA GLU B 78 4.54 -42.98 -2.81
C GLU B 78 3.86 -43.96 -3.77
N GLN B 79 3.04 -43.44 -4.68
CA GLN B 79 2.32 -44.21 -5.69
C GLN B 79 2.16 -43.36 -6.94
N GLU B 80 1.89 -44.01 -8.07
CA GLU B 80 1.57 -43.27 -9.29
C GLU B 80 0.14 -42.74 -9.24
N ARG B 81 -0.03 -41.62 -8.56
CA ARG B 81 -1.33 -41.00 -8.42
C ARG B 81 -1.12 -39.52 -8.13
N SER B 82 -2.19 -38.75 -8.22
CA SER B 82 -2.14 -37.32 -8.01
C SER B 82 -3.24 -36.83 -7.08
N GLU B 83 -2.98 -35.71 -6.41
CA GLU B 83 -3.97 -35.04 -5.58
C GLU B 83 -4.08 -33.59 -6.02
N ILE B 84 -5.30 -33.10 -6.16
CA ILE B 84 -5.48 -31.72 -6.60
CA ILE B 84 -5.50 -31.72 -6.61
C ILE B 84 -5.75 -30.81 -5.40
N TYR B 85 -4.87 -29.85 -5.20
CA TYR B 85 -4.99 -28.88 -4.12
C TYR B 85 -5.64 -27.60 -4.61
N ILE B 86 -6.88 -27.35 -4.19
CA ILE B 86 -7.51 -26.06 -4.44
C ILE B 86 -6.90 -25.03 -3.51
N TYR B 87 -6.23 -24.04 -4.08
CA TYR B 87 -5.61 -23.01 -3.27
C TYR B 87 -6.62 -21.90 -2.97
N ASP B 88 -7.29 -21.43 -4.02
CA ASP B 88 -8.28 -20.37 -3.90
C ASP B 88 -9.53 -20.68 -4.73
N LEU B 89 -10.70 -20.48 -4.13
CA LEU B 89 -11.97 -20.60 -4.84
C LEU B 89 -12.80 -19.37 -4.47
N ALA B 90 -13.17 -18.57 -5.47
CA ALA B 90 -13.94 -17.36 -5.21
C ALA B 90 -15.18 -17.26 -6.10
N VAL B 91 -16.27 -16.76 -5.50
CA VAL B 91 -17.47 -16.44 -6.24
C VAL B 91 -17.86 -15.00 -5.93
N ALA B 92 -18.21 -14.24 -6.97
CA ALA B 92 -18.60 -12.84 -6.81
C ALA B 92 -19.71 -12.69 -5.77
N LYS B 93 -19.64 -11.63 -4.97
CA LYS B 93 -20.56 -11.44 -3.85
C LYS B 93 -22.02 -11.37 -4.28
N ALA B 94 -22.30 -10.82 -5.46
CA ALA B 94 -23.66 -10.69 -5.94
C ALA B 94 -24.18 -12.00 -6.53
N HIS B 95 -23.32 -13.01 -6.59
CA HIS B 95 -23.68 -14.27 -7.23
C HIS B 95 -23.48 -15.49 -6.31
N ARG B 96 -23.67 -15.28 -5.02
CA ARG B 96 -23.54 -16.35 -4.03
C ARG B 96 -24.77 -17.25 -4.01
N ARG B 97 -24.63 -18.41 -3.40
CA ARG B 97 -25.74 -19.35 -3.14
C ARG B 97 -26.53 -19.67 -4.39
N ARG B 98 -25.83 -20.05 -5.42
CA ARG B 98 -26.46 -20.30 -6.68
C ARG B 98 -25.78 -21.29 -7.60
N GLY B 99 -24.84 -22.06 -7.08
CA GLY B 99 -24.31 -23.19 -7.80
C GLY B 99 -23.02 -22.95 -8.55
N ILE B 100 -22.50 -21.72 -8.46
CA ILE B 100 -21.26 -21.37 -9.17
C ILE B 100 -20.05 -22.13 -8.63
N ALA B 101 -19.92 -22.18 -7.31
CA ALA B 101 -18.80 -22.90 -6.69
C ALA B 101 -18.90 -24.39 -7.02
N THR B 102 -20.12 -24.90 -7.06
CA THR B 102 -20.35 -26.31 -7.42
C THR B 102 -19.93 -26.59 -8.86
N ALA B 103 -20.26 -25.67 -9.76
CA ALA B 103 -19.89 -25.82 -11.16
C ALA B 103 -18.38 -25.83 -11.34
N LEU B 104 -17.69 -24.98 -10.60
CA LEU B 104 -16.23 -24.94 -10.64
C LEU B 104 -15.62 -26.26 -10.16
N ILE B 105 -16.15 -26.79 -9.07
CA ILE B 105 -15.61 -28.01 -8.51
C ILE B 105 -15.92 -29.22 -9.40
N GLU B 106 -17.11 -29.21 -10.01
CA GLU B 106 -17.49 -30.27 -10.95
C GLU B 106 -16.57 -30.29 -12.17
N LYS B 107 -16.20 -29.11 -12.67
CA LYS B 107 -15.25 -29.01 -13.77
C LYS B 107 -13.87 -29.54 -13.36
N LEU B 108 -13.47 -29.22 -12.14
CA LEU B 108 -12.18 -29.67 -11.61
C LEU B 108 -12.13 -31.19 -11.49
N LYS B 109 -13.27 -31.78 -11.11
CA LYS B 109 -13.41 -33.23 -11.04
C LYS B 109 -13.17 -33.89 -12.39
N GLU B 110 -13.74 -33.30 -13.45
CA GLU B 110 -13.56 -33.81 -14.81
C GLU B 110 -12.10 -33.74 -15.24
N LEU B 111 -11.47 -32.60 -14.96
CA LEU B 111 -10.05 -32.43 -15.27
C LEU B 111 -9.20 -33.37 -14.43
N GLY B 112 -9.63 -33.58 -13.19
CA GLY B 112 -8.90 -34.43 -12.26
C GLY B 112 -8.88 -35.89 -12.68
N ALA B 113 -10.03 -36.38 -13.11
CA ALA B 113 -10.16 -37.77 -13.55
C ALA B 113 -9.23 -38.04 -14.73
N ALA B 114 -9.09 -37.06 -15.61
CA ALA B 114 -8.22 -37.20 -16.78
C ALA B 114 -6.75 -37.17 -16.37
N ARG B 115 -6.47 -36.62 -15.19
CA ARG B 115 -5.11 -36.49 -14.70
C ARG B 115 -4.70 -37.64 -13.77
N GLY B 116 -5.61 -38.60 -13.59
CA GLY B 116 -5.35 -39.71 -12.68
C GLY B 116 -5.38 -39.30 -11.22
N ALA B 117 -6.01 -38.16 -10.94
CA ALA B 117 -6.15 -37.72 -9.56
C ALA B 117 -7.28 -38.48 -8.88
N TYR B 118 -7.07 -38.88 -7.64
CA TYR B 118 -8.08 -39.66 -6.92
C TYR B 118 -8.80 -38.82 -5.87
N VAL B 119 -8.29 -37.63 -5.58
CA VAL B 119 -8.92 -36.79 -4.58
C VAL B 119 -8.64 -35.31 -4.83
N ILE B 120 -9.62 -34.48 -4.50
CA ILE B 120 -9.45 -33.02 -4.48
C ILE B 120 -9.55 -32.56 -3.04
N PHE B 121 -8.61 -31.73 -2.59
CA PHE B 121 -8.77 -31.22 -1.24
C PHE B 121 -8.66 -29.70 -1.18
N VAL B 122 -9.33 -29.13 -0.20
CA VAL B 122 -9.41 -27.68 -0.05
C VAL B 122 -9.52 -27.37 1.43
N GLN B 123 -9.02 -26.21 1.83
CA GLN B 123 -9.05 -25.82 3.23
C GLN B 123 -9.94 -24.61 3.45
N ALA B 124 -10.55 -24.55 4.62
CA ALA B 124 -11.29 -23.37 5.03
C ALA B 124 -10.83 -23.11 6.45
N ASP B 125 -10.59 -21.83 6.74
CA ASP B 125 -10.18 -21.28 8.04
C ASP B 125 -11.41 -21.29 8.92
N THR B 126 -11.31 -21.00 10.19
CA THR B 126 -12.47 -21.09 11.00
C THR B 126 -13.15 -19.81 11.37
N ALA B 127 -12.78 -18.74 10.73
CA ALA B 127 -13.34 -17.46 11.01
C ALA B 127 -14.78 -17.38 10.60
N ILE B 128 -15.44 -16.34 11.05
CA ILE B 128 -16.85 -16.12 10.73
C ILE B 128 -17.01 -15.95 9.24
N GLU B 129 -16.01 -15.36 8.58
CA GLU B 129 -16.07 -15.06 7.16
C GLU B 129 -16.29 -16.27 6.24
N ASP B 130 -15.94 -17.46 6.74
CA ASP B 130 -15.70 -18.63 5.90
C ASP B 130 -16.75 -19.73 6.08
N GLU B 131 -17.69 -19.53 6.99
CA GLU B 131 -18.77 -20.51 7.20
C GLU B 131 -19.62 -20.77 5.94
N PRO B 132 -19.82 -19.75 5.08
CA PRO B 132 -20.46 -20.09 3.81
C PRO B 132 -19.63 -21.06 2.95
N ALA B 133 -18.32 -21.06 3.12
CA ALA B 133 -17.46 -22.00 2.39
C ALA B 133 -17.53 -23.38 3.04
N ILE B 134 -17.55 -23.40 4.37
CA ILE B 134 -17.61 -24.63 5.12
C ILE B 134 -18.86 -25.43 4.80
N ALA B 135 -19.98 -24.73 4.65
CA ALA B 135 -21.25 -25.40 4.36
C ALA B 135 -21.22 -26.06 2.99
N LEU B 136 -20.59 -25.40 2.03
CA LEU B 136 -20.43 -25.93 0.69
C LEU B 136 -19.59 -27.20 0.70
N TYR B 137 -18.38 -27.09 1.26
CA TYR B 137 -17.43 -28.18 1.26
C TYR B 137 -17.92 -29.38 2.05
N SER B 138 -18.69 -29.13 3.11
CA SER B 138 -19.20 -30.19 3.97
C SER B 138 -20.14 -31.12 3.21
N LYS B 139 -20.87 -30.57 2.25
CA LYS B 139 -21.80 -31.37 1.47
C LYS B 139 -21.11 -32.13 0.33
N LEU B 140 -19.98 -31.61 -0.12
CA LEU B 140 -19.25 -32.21 -1.25
C LEU B 140 -18.16 -33.16 -0.78
N GLY B 141 -17.48 -32.80 0.30
CA GLY B 141 -16.37 -33.61 0.79
C GLY B 141 -16.55 -34.00 2.25
N VAL B 142 -15.51 -34.56 2.84
CA VAL B 142 -15.57 -34.91 4.25
C VAL B 142 -14.61 -34.01 5.04
N ARG B 143 -15.10 -33.53 6.17
CA ARG B 143 -14.43 -32.52 6.97
C ARG B 143 -13.42 -33.11 7.94
N GLU B 144 -12.25 -32.50 8.03
CA GLU B 144 -11.35 -32.82 9.12
C GLU B 144 -10.70 -31.59 9.70
N GLU B 145 -10.57 -31.58 11.02
CA GLU B 145 -9.96 -30.49 11.75
C GLU B 145 -8.45 -30.69 11.74
N VAL B 146 -7.72 -29.66 11.30
CA VAL B 146 -6.26 -29.77 11.24
C VAL B 146 -5.62 -28.51 11.77
N LEU B 147 -4.32 -28.58 12.02
CA LEU B 147 -3.55 -27.42 12.45
C LEU B 147 -2.63 -26.97 11.31
N HIS B 148 -2.70 -25.68 10.98
CA HIS B 148 -1.89 -25.11 9.92
C HIS B 148 -0.76 -24.28 10.51
N PHE B 149 0.46 -24.48 10.00
CA PHE B 149 1.62 -23.73 10.49
C PHE B 149 2.33 -22.99 9.36
N ASP B 150 2.44 -21.67 9.49
CA ASP B 150 3.19 -20.87 8.52
C ASP B 150 4.59 -20.58 9.04
N ILE B 151 5.58 -21.17 8.40
CA ILE B 151 6.98 -21.04 8.80
C ILE B 151 7.72 -20.10 7.87
N PRO B 152 8.20 -18.97 8.40
CA PRO B 152 8.94 -18.00 7.57
C PRO B 152 10.29 -18.54 7.13
N VAL B 153 10.61 -18.39 5.85
CA VAL B 153 11.91 -18.85 5.36
CA VAL B 153 11.90 -18.83 5.33
C VAL B 153 13.01 -17.95 5.90
N SER B 154 12.66 -16.69 6.14
CA SER B 154 13.61 -15.73 6.65
C SER B 154 12.94 -14.92 7.72
N GLN B 155 13.40 -15.01 8.94
CA GLN B 155 12.64 -14.31 9.96
C GLN B 155 12.91 -12.85 10.05
N ASN B 156 11.82 -12.15 10.15
CA ASN B 156 11.74 -10.77 10.48
C ASN B 156 12.23 -10.57 11.90
N ASN B 157 13.35 -9.89 12.06
CA ASN B 157 14.00 -10.03 13.35
C ASN B 157 13.70 -8.97 14.39
N VAL B 158 14.50 -9.05 15.43
CA VAL B 158 14.17 -8.52 16.74
C VAL B 158 14.77 -7.15 17.03
N ASP B 159 14.16 -6.45 17.98
CA ASP B 159 14.62 -5.15 18.42
C ASP B 159 14.33 -4.93 19.89
N MET C 3 42.34 -14.08 -1.27
CA MET C 3 41.27 -13.29 -0.66
C MET C 3 39.93 -14.01 -0.71
N SER C 4 39.26 -14.13 0.43
CA SER C 4 37.91 -14.67 0.44
C SER C 4 36.91 -13.55 0.71
N LEU C 5 36.63 -12.75 -0.31
CA LEU C 5 35.72 -11.62 -0.17
C LEU C 5 34.33 -11.94 -0.70
N ASP C 6 33.32 -11.54 0.05
CA ASP C 6 31.94 -11.70 -0.38
C ASP C 6 31.19 -10.36 -0.34
N VAL C 7 30.86 -9.83 -1.51
CA VAL C 7 30.08 -8.60 -1.60
C VAL C 7 28.61 -8.93 -1.74
N HIS C 8 27.81 -8.47 -0.79
CA HIS C 8 26.43 -8.93 -0.63
C HIS C 8 25.44 -7.78 -0.51
N GLN C 9 24.38 -7.80 -1.32
CA GLN C 9 23.33 -6.80 -1.20
C GLN C 9 22.39 -7.17 -0.05
N LEU C 10 22.21 -6.25 0.89
CA LEU C 10 21.35 -6.52 2.04
C LEU C 10 19.88 -6.62 1.63
N SER C 11 19.19 -7.64 2.16
CA SER C 11 17.77 -7.84 1.89
C SER C 11 16.95 -7.27 3.03
N PRO C 12 15.62 -7.15 2.85
CA PRO C 12 14.77 -6.74 3.98
C PRO C 12 14.87 -7.70 5.16
N ASN C 13 15.31 -8.93 4.89
CA ASN C 13 15.47 -9.95 5.92
C ASN C 13 16.77 -9.82 6.69
N GLU C 14 17.48 -8.71 6.51
CA GLU C 14 18.83 -8.58 7.07
C GLU C 14 19.09 -7.23 7.72
N VAL C 15 18.14 -6.77 8.53
CA VAL C 15 18.30 -5.54 9.29
C VAL C 15 19.46 -5.66 10.27
N ALA C 16 19.65 -6.86 10.81
CA ALA C 16 20.74 -7.14 11.71
C ALA C 16 22.10 -6.84 11.08
N LEU C 17 22.25 -7.21 9.81
CA LEU C 17 23.48 -6.91 9.08
C LEU C 17 23.67 -5.41 8.88
N MET C 18 22.56 -4.72 8.68
CA MET C 18 22.60 -3.27 8.50
C MET C 18 23.12 -2.58 9.75
N GLU C 19 22.71 -3.09 10.91
CA GLU C 19 23.14 -2.54 12.21
C GLU C 19 24.63 -2.66 12.43
N THR C 20 25.19 -3.80 12.01
CA THR C 20 26.62 -4.02 12.12
C THR C 20 27.36 -3.13 11.12
N LEU C 21 26.78 -2.97 9.94
CA LEU C 21 27.36 -2.12 8.92
C LEU C 21 27.44 -0.67 9.42
N LEU C 22 26.44 -0.23 10.17
CA LEU C 22 26.45 1.10 10.76
C LEU C 22 27.66 1.29 11.68
N ALA C 23 28.02 0.24 12.41
CA ALA C 23 29.19 0.28 13.28
C ALA C 23 30.48 0.38 12.47
N THR C 24 30.50 -0.27 11.31
CA THR C 24 31.64 -0.18 10.39
C THR C 24 31.80 1.24 9.85
N PHE C 25 30.69 1.86 9.48
CA PHE C 25 30.68 3.25 9.03
C PHE C 25 31.20 4.18 10.13
N GLY C 26 30.68 4.00 11.35
CA GLY C 26 31.04 4.84 12.48
C GLY C 26 32.52 4.87 12.79
N GLU C 27 33.15 3.69 12.77
CA GLU C 27 34.58 3.58 13.01
C GLU C 27 35.39 4.19 11.86
N ALA C 28 34.97 3.90 10.63
CA ALA C 28 35.68 4.37 9.46
C ALA C 28 35.60 5.90 9.32
N PHE C 29 34.45 6.47 9.68
CA PHE C 29 34.23 7.90 9.58
C PHE C 29 34.60 8.61 10.88
N ASN C 30 35.07 7.84 11.85
CA ASN C 30 35.37 8.36 13.19
C ASN C 30 34.20 9.14 13.78
N ASP C 31 32.99 8.65 13.53
CA ASP C 31 31.78 9.30 14.00
C ASP C 31 30.77 8.25 14.48
N MET C 32 31.15 7.51 15.52
CA MET C 32 30.32 6.42 16.04
C MET C 32 29.00 6.92 16.58
N GLU C 33 29.00 8.13 17.13
CA GLU C 33 27.81 8.70 17.74
C GLU C 33 26.70 8.91 16.72
N THR C 34 27.06 9.35 15.52
CA THR C 34 26.07 9.62 14.47
C THR C 34 25.47 8.33 13.91
N TYR C 35 26.30 7.30 13.77
CA TYR C 35 25.89 6.07 13.08
C TYR C 35 25.36 4.98 13.99
N THR C 36 25.71 5.04 15.27
CA THR C 36 25.27 4.01 16.21
C THR C 36 24.62 4.59 17.48
N GLY C 37 24.71 5.91 17.65
CA GLY C 37 24.22 6.54 18.86
C GLY C 37 22.71 6.64 18.96
N ASN C 38 22.04 6.57 17.81
CA ASN C 38 20.58 6.63 17.79
C ASN C 38 20.02 5.83 16.62
N ARG C 39 20.28 4.53 16.64
CA ARG C 39 19.87 3.63 15.57
C ARG C 39 18.36 3.58 15.41
N PRO C 40 17.87 3.45 14.17
CA PRO C 40 16.44 3.34 13.88
C PRO C 40 15.83 2.06 14.41
N ARG C 41 14.50 1.98 14.42
CA ARG C 41 13.81 0.74 14.78
C ARG C 41 13.92 -0.24 13.64
N GLY C 42 13.75 -1.53 13.94
CA GLY C 42 13.82 -2.57 12.93
C GLY C 42 12.79 -2.36 11.83
N ALA C 43 11.63 -1.82 12.22
CA ALA C 43 10.56 -1.57 11.27
C ALA C 43 10.95 -0.52 10.25
N TYR C 44 11.52 0.58 10.74
CA TYR C 44 11.99 1.67 9.88
C TYR C 44 13.09 1.19 8.94
N SER C 45 14.07 0.50 9.51
CA SER C 45 15.19 -0.01 8.72
C SER C 45 14.71 -1.01 7.68
N ARG C 46 13.70 -1.81 8.05
CA ARG C 46 13.20 -2.80 7.11
C ARG C 46 12.50 -2.20 5.89
N ARG C 47 11.59 -1.26 6.12
CA ARG C 47 10.86 -0.63 5.04
C ARG C 47 11.81 0.11 4.09
N LEU C 48 12.91 0.60 4.63
CA LEU C 48 13.92 1.26 3.83
C LEU C 48 14.61 0.25 2.90
N LEU C 49 14.85 -0.95 3.42
CA LEU C 49 15.52 -1.99 2.66
C LEU C 49 14.63 -2.60 1.56
N GLU C 50 13.32 -2.53 1.73
CA GLU C 50 12.41 -3.04 0.72
C GLU C 50 11.85 -1.93 -0.16
N SER C 51 12.44 -0.75 -0.07
CA SER C 51 12.05 0.36 -0.94
C SER C 51 12.65 0.19 -2.32
N ASP C 52 12.10 0.91 -3.29
CA ASP C 52 12.50 0.80 -4.69
C ASP C 52 13.87 1.39 -4.99
N TYR C 53 14.29 2.37 -4.18
CA TYR C 53 15.44 3.19 -4.55
C TYR C 53 16.67 3.02 -3.65
N PHE C 54 16.48 2.46 -2.46
CA PHE C 54 17.61 2.32 -1.53
C PHE C 54 18.41 1.05 -1.81
N ILE C 55 19.75 1.18 -1.80
CA ILE C 55 20.64 0.06 -2.02
C ILE C 55 21.72 0.01 -0.93
N ALA C 56 21.80 -1.14 -0.26
CA ALA C 56 22.82 -1.34 0.77
C ALA C 56 23.67 -2.56 0.47
N LEU C 57 24.98 -2.35 0.33
CA LEU C 57 25.90 -3.44 0.05
C LEU C 57 26.84 -3.67 1.23
N ALA C 58 27.12 -4.93 1.52
CA ALA C 58 28.06 -5.27 2.58
C ALA C 58 29.15 -6.19 2.07
N ALA C 59 30.39 -5.90 2.48
CA ALA C 59 31.52 -6.74 2.15
C ALA C 59 31.88 -7.61 3.34
N LEU C 60 31.96 -8.92 3.14
CA LEU C 60 32.24 -9.83 4.24
C LEU C 60 33.45 -10.71 3.99
N GLU C 61 34.19 -10.96 5.06
CA GLU C 61 35.31 -11.90 5.04
C GLU C 61 35.15 -12.93 6.15
N TYR C 62 34.89 -14.18 5.78
CA TYR C 62 34.68 -15.26 6.74
C TYR C 62 33.60 -14.91 7.78
N GLY C 63 32.53 -14.30 7.31
CA GLY C 63 31.40 -13.99 8.16
C GLY C 63 31.48 -12.63 8.85
N GLU C 64 32.59 -11.92 8.65
CA GLU C 64 32.77 -10.61 9.26
C GLU C 64 32.60 -9.47 8.26
N ILE C 65 31.69 -8.55 8.58
CA ILE C 65 31.54 -7.34 7.77
C ILE C 65 32.77 -6.46 7.92
N VAL C 66 33.43 -6.17 6.81
CA VAL C 66 34.66 -5.38 6.81
C VAL C 66 34.51 -4.10 5.98
N GLY C 67 33.35 -3.92 5.38
CA GLY C 67 33.10 -2.74 4.57
C GLY C 67 31.69 -2.72 4.05
N GLY C 68 31.31 -1.61 3.42
CA GLY C 68 29.96 -1.51 2.88
C GLY C 68 29.68 -0.22 2.13
N LEU C 69 28.50 -0.18 1.52
CA LEU C 69 28.09 0.91 0.67
C LEU C 69 26.58 1.15 0.79
N ALA C 70 26.20 2.42 0.90
CA ALA C 70 24.79 2.82 0.88
C ALA C 70 24.55 3.77 -0.29
N ALA C 71 23.53 3.47 -1.10
CA ALA C 71 23.27 4.27 -2.29
C ALA C 71 21.78 4.45 -2.55
N TYR C 72 21.44 5.49 -3.32
CA TYR C 72 20.06 5.78 -3.66
C TYR C 72 19.90 5.85 -5.17
N GLU C 73 18.93 5.13 -5.71
CA GLU C 73 18.63 5.24 -7.13
C GLU C 73 17.69 6.41 -7.38
N LEU C 74 18.13 7.33 -8.24
CA LEU C 74 17.33 8.52 -8.54
C LEU C 74 16.69 8.41 -9.92
N LYS C 75 15.41 8.06 -9.95
CA LYS C 75 14.69 8.01 -11.22
C LYS C 75 14.39 9.44 -11.70
N LYS C 76 14.88 9.77 -12.89
CA LYS C 76 14.86 11.15 -13.35
C LYS C 76 13.52 11.58 -13.95
N PHE C 77 13.34 12.89 -14.05
CA PHE C 77 12.08 13.51 -14.45
C PHE C 77 12.13 14.08 -15.87
N GLU C 78 13.34 14.47 -16.29
CA GLU C 78 13.51 15.05 -17.62
C GLU C 78 13.49 13.98 -18.71
N GLN C 79 13.93 12.78 -18.36
CA GLN C 79 13.95 11.65 -19.28
C GLN C 79 13.65 10.35 -18.54
N GLU C 80 13.39 9.28 -19.31
CA GLU C 80 13.20 7.96 -18.72
C GLU C 80 14.56 7.33 -18.48
N ARG C 81 15.21 7.73 -17.39
CA ARG C 81 16.52 7.22 -17.04
C ARG C 81 16.72 7.35 -15.54
N SER C 82 17.75 6.71 -15.00
CA SER C 82 18.01 6.80 -13.58
C SER C 82 19.51 6.85 -13.31
N GLU C 83 19.87 7.47 -12.18
CA GLU C 83 21.24 7.51 -11.72
C GLU C 83 21.32 7.01 -10.29
N ILE C 84 22.45 6.42 -9.93
CA ILE C 84 22.65 5.91 -8.58
C ILE C 84 23.60 6.83 -7.82
N TYR C 85 23.13 7.34 -6.70
CA TYR C 85 23.94 8.21 -5.85
C TYR C 85 24.54 7.43 -4.68
N ILE C 86 25.86 7.28 -4.70
CA ILE C 86 26.57 6.71 -3.55
C ILE C 86 26.58 7.72 -2.41
N TYR C 87 25.90 7.40 -1.33
CA TYR C 87 25.88 8.30 -0.18
C TYR C 87 27.09 8.05 0.72
N ASP C 88 27.22 6.82 1.22
CA ASP C 88 28.32 6.45 2.11
C ASP C 88 29.06 5.21 1.57
N LEU C 89 30.37 5.22 1.69
CA LEU C 89 31.22 4.09 1.28
CA LEU C 89 31.21 4.10 1.27
C LEU C 89 32.40 3.99 2.23
N ALA C 90 32.59 2.82 2.83
CA ALA C 90 33.67 2.66 3.82
C ALA C 90 34.20 1.24 3.89
N VAL C 91 35.50 1.15 4.15
CA VAL C 91 36.18 -0.11 4.39
C VAL C 91 36.97 -0.01 5.70
N ALA C 92 36.88 -1.06 6.52
CA ALA C 92 37.59 -1.10 7.79
C ALA C 92 39.09 -0.89 7.60
N LYS C 93 39.69 -0.13 8.51
CA LYS C 93 41.07 0.28 8.39
C LYS C 93 42.04 -0.90 8.17
N ALA C 94 41.87 -2.01 8.90
CA ALA C 94 42.81 -3.12 8.81
C ALA C 94 42.64 -3.85 7.49
N HIS C 95 41.63 -3.45 6.71
CA HIS C 95 41.30 -4.17 5.49
C HIS C 95 41.42 -3.35 4.22
N ARG C 96 42.06 -2.19 4.31
CA ARG C 96 42.14 -1.28 3.18
C ARG C 96 43.31 -1.60 2.24
N ARG C 97 43.30 -0.97 1.07
CA ARG C 97 44.29 -1.21 0.01
C ARG C 97 44.31 -2.67 -0.40
N ARG C 98 43.14 -3.28 -0.43
CA ARG C 98 42.96 -4.66 -0.80
C ARG C 98 41.89 -4.89 -1.88
N GLY C 99 41.35 -3.84 -2.47
CA GLY C 99 40.36 -3.95 -3.54
C GLY C 99 38.92 -4.17 -3.10
N ILE C 100 38.65 -4.01 -1.81
CA ILE C 100 37.30 -4.19 -1.28
C ILE C 100 36.36 -3.08 -1.75
N ALA C 101 36.77 -1.82 -1.63
CA ALA C 101 35.97 -0.70 -2.11
C ALA C 101 35.70 -0.80 -3.61
N THR C 102 36.71 -1.22 -4.36
CA THR C 102 36.55 -1.41 -5.80
C THR C 102 35.52 -2.49 -6.09
N ALA C 103 35.58 -3.57 -5.32
CA ALA C 103 34.65 -4.68 -5.47
C ALA C 103 33.22 -4.26 -5.17
N LEU C 104 33.06 -3.39 -4.17
CA LEU C 104 31.74 -2.88 -3.82
C LEU C 104 31.15 -2.05 -4.97
N ILE C 105 31.97 -1.21 -5.57
CA ILE C 105 31.52 -0.35 -6.66
C ILE C 105 31.25 -1.17 -7.92
N GLU C 106 32.08 -2.19 -8.14
CA GLU C 106 31.89 -3.09 -9.27
C GLU C 106 30.54 -3.80 -9.15
N LYS C 107 30.18 -4.16 -7.93
CA LYS C 107 28.89 -4.78 -7.65
C LYS C 107 27.75 -3.80 -7.89
N LEU C 108 27.96 -2.54 -7.54
CA LEU C 108 26.93 -1.52 -7.72
C LEU C 108 26.71 -1.26 -9.21
N LYS C 109 27.76 -1.39 -10.00
CA LYS C 109 27.67 -1.24 -11.45
C LYS C 109 26.77 -2.29 -12.08
N GLU C 110 27.02 -3.56 -11.76
CA GLU C 110 26.22 -4.64 -12.34
C GLU C 110 24.79 -4.62 -11.78
N LEU C 111 24.62 -4.04 -10.60
CA LEU C 111 23.29 -3.82 -10.06
C LEU C 111 22.61 -2.67 -10.79
N GLY C 112 23.38 -1.66 -11.15
CA GLY C 112 22.86 -0.51 -11.85
C GLY C 112 22.44 -0.83 -13.28
N ALA C 113 23.27 -1.60 -13.97
CA ALA C 113 22.97 -2.01 -15.34
C ALA C 113 21.70 -2.85 -15.41
N ALA C 114 21.48 -3.65 -14.36
CA ALA C 114 20.27 -4.47 -14.27
C ALA C 114 19.05 -3.61 -13.98
N ARG C 115 19.28 -2.45 -13.35
CA ARG C 115 18.19 -1.51 -13.04
C ARG C 115 17.97 -0.53 -14.18
N GLY C 116 18.93 -0.48 -15.11
CA GLY C 116 18.82 0.41 -16.26
C GLY C 116 19.43 1.77 -16.03
N ALA C 117 20.09 1.94 -14.88
CA ALA C 117 20.78 3.19 -14.58
C ALA C 117 21.92 3.41 -15.56
N TYR C 118 22.14 4.65 -15.96
CA TYR C 118 23.15 4.96 -16.97
C TYR C 118 24.43 5.51 -16.36
N VAL C 119 24.38 5.86 -15.07
CA VAL C 119 25.54 6.43 -14.41
C VAL C 119 25.47 6.31 -12.89
N ILE C 120 26.64 6.22 -12.26
CA ILE C 120 26.75 6.26 -10.82
C ILE C 120 27.56 7.50 -10.45
N PHE C 121 27.09 8.29 -9.49
CA PHE C 121 27.86 9.44 -9.07
C PHE C 121 28.01 9.50 -7.55
N VAL C 122 29.06 10.18 -7.11
CA VAL C 122 29.38 10.25 -5.69
C VAL C 122 30.16 11.52 -5.41
N GLN C 123 29.82 12.19 -4.32
CA GLN C 123 30.55 13.39 -3.90
C GLN C 123 31.73 12.98 -3.03
N ALA C 124 32.89 13.53 -3.33
CA ALA C 124 34.06 13.30 -2.51
C ALA C 124 34.42 14.56 -1.73
N ASP C 125 34.52 14.42 -0.42
CA ASP C 125 35.00 15.51 0.43
C ASP C 125 36.41 15.84 -0.01
N THR C 126 36.90 17.05 0.27
CA THR C 126 38.24 17.46 -0.19
C THR C 126 39.44 17.50 0.77
N ALA C 127 39.14 17.45 2.05
CA ALA C 127 40.14 17.48 3.12
C ALA C 127 41.16 16.35 3.01
N ILE C 128 42.19 16.50 3.84
CA ILE C 128 43.23 15.56 4.20
C ILE C 128 42.74 14.15 4.40
N GLU C 129 41.54 13.93 4.94
CA GLU C 129 41.21 12.52 5.15
C GLU C 129 40.79 11.83 3.84
N ASP C 130 40.65 12.61 2.77
CA ASP C 130 39.89 12.20 1.60
C ASP C 130 40.64 11.55 0.44
N GLU C 131 41.90 11.92 0.21
CA GLU C 131 42.57 11.52 -1.03
C GLU C 131 42.62 10.01 -1.30
N PRO C 132 42.64 9.16 -0.25
CA PRO C 132 42.40 7.74 -0.55
C PRO C 132 41.11 7.53 -1.33
N ALA C 133 40.03 8.19 -0.92
CA ALA C 133 38.76 8.11 -1.64
C ALA C 133 38.85 8.83 -2.99
N ILE C 134 39.52 9.97 -3.01
CA ILE C 134 39.68 10.73 -4.24
C ILE C 134 40.51 9.97 -5.26
N ALA C 135 41.57 9.30 -4.80
CA ALA C 135 42.37 8.47 -5.69
C ALA C 135 41.52 7.31 -6.21
N LEU C 136 40.64 6.80 -5.35
CA LEU C 136 39.71 5.74 -5.73
C LEU C 136 38.71 6.22 -6.76
N TYR C 137 38.13 7.39 -6.54
CA TYR C 137 37.10 7.88 -7.43
C TYR C 137 37.67 8.40 -8.75
N SER C 138 38.90 8.89 -8.73
CA SER C 138 39.52 9.46 -9.93
C SER C 138 39.83 8.37 -10.96
N LYS C 139 40.08 7.16 -10.47
CA LYS C 139 40.38 6.02 -11.35
C LYS C 139 39.12 5.47 -12.02
N LEU C 140 37.97 5.63 -11.36
CA LEU C 140 36.73 5.03 -11.85
C LEU C 140 35.86 5.99 -12.64
N GLY C 141 35.94 7.28 -12.31
CA GLY C 141 35.07 8.25 -12.94
C GLY C 141 35.76 9.52 -13.37
N VAL C 142 34.96 10.52 -13.71
CA VAL C 142 35.48 11.81 -14.15
C VAL C 142 35.25 12.85 -13.06
N ARG C 143 36.32 13.54 -12.66
CA ARG C 143 36.27 14.52 -11.58
C ARG C 143 35.82 15.90 -12.06
N GLU C 144 34.92 16.51 -11.30
CA GLU C 144 34.57 17.91 -11.52
C GLU C 144 34.35 18.60 -10.18
N GLU C 145 34.84 19.83 -10.07
CA GLU C 145 34.77 20.58 -8.83
C GLU C 145 33.48 21.38 -8.74
N VAL C 146 32.67 21.07 -7.72
CA VAL C 146 31.39 21.73 -7.54
C VAL C 146 31.29 22.34 -6.14
N LEU C 147 30.23 23.09 -5.90
CA LEU C 147 29.99 23.70 -4.60
C LEU C 147 28.81 23.03 -3.89
N HIS C 148 28.96 22.71 -2.62
CA HIS C 148 27.94 22.06 -1.83
C HIS C 148 27.43 22.97 -0.72
N PHE C 149 26.13 23.06 -0.55
CA PHE C 149 25.51 23.94 0.45
C PHE C 149 24.54 23.16 1.33
N ASP C 150 24.68 23.31 2.65
CA ASP C 150 23.78 22.67 3.60
C ASP C 150 22.79 23.69 4.17
N ILE C 151 21.56 23.67 3.66
CA ILE C 151 20.51 24.56 4.11
C ILE C 151 19.71 23.93 5.23
N PRO C 152 19.62 24.62 6.39
CA PRO C 152 19.02 24.04 7.59
C PRO C 152 17.49 23.98 7.55
N VAL C 153 16.92 22.97 8.19
CA VAL C 153 15.48 22.85 8.35
C VAL C 153 15.11 22.82 9.83
N SER C 154 14.20 23.71 10.23
CA SER C 154 13.77 23.80 11.62
C SER C 154 12.98 22.56 12.03
N GLN D 1 -3.94 -13.09 11.83
CA GLN D 1 -3.81 -11.96 10.94
C GLN D 1 -3.34 -10.71 11.68
N SER D 2 -2.98 -10.88 12.94
CA SER D 2 -2.56 -9.76 13.77
C SER D 2 -1.18 -9.25 13.41
N MET D 3 -0.41 -10.08 12.71
CA MET D 3 0.96 -9.71 12.34
C MET D 3 1.01 -8.88 11.07
N SER D 4 -0.14 -8.36 10.65
CA SER D 4 -0.22 -7.51 9.47
C SER D 4 -1.13 -6.32 9.72
N LEU D 5 -0.89 -5.23 9.00
CA LEU D 5 -1.78 -4.08 9.08
C LEU D 5 -3.12 -4.41 8.44
N ASP D 6 -4.20 -4.29 9.21
CA ASP D 6 -5.53 -4.59 8.69
C ASP D 6 -6.53 -3.51 9.05
N VAL D 7 -7.41 -3.18 8.11
CA VAL D 7 -8.43 -2.17 8.32
C VAL D 7 -9.81 -2.81 8.23
N HIS D 8 -10.66 -2.59 9.23
CA HIS D 8 -12.01 -3.11 9.19
C HIS D 8 -13.02 -2.08 9.72
N GLN D 9 -14.29 -2.27 9.36
CA GLN D 9 -15.36 -1.36 9.77
C GLN D 9 -15.99 -1.84 11.07
N LEU D 10 -16.19 -0.91 12.00
CA LEU D 10 -16.77 -1.25 13.30
C LEU D 10 -18.23 -1.65 13.20
N SER D 11 -18.59 -2.73 13.88
CA SER D 11 -19.98 -3.16 13.99
C SER D 11 -20.60 -2.50 15.22
N PRO D 12 -21.94 -2.47 15.30
CA PRO D 12 -22.63 -1.89 16.46
C PRO D 12 -22.20 -2.49 17.80
N ASN D 13 -21.71 -3.71 17.81
CA ASN D 13 -21.31 -4.33 19.07
C ASN D 13 -19.88 -3.98 19.45
N GLU D 14 -19.15 -3.36 18.52
CA GLU D 14 -17.77 -2.97 18.79
C GLU D 14 -17.70 -1.56 19.39
N VAL D 15 -18.55 -1.29 20.38
CA VAL D 15 -18.56 0.02 21.02
C VAL D 15 -17.27 0.25 21.78
N ALA D 16 -16.75 -0.80 22.43
CA ALA D 16 -15.51 -0.70 23.20
C ALA D 16 -14.35 -0.29 22.32
N LEU D 17 -14.32 -0.80 21.09
CA LEU D 17 -13.27 -0.48 20.14
C LEU D 17 -13.41 0.98 19.68
N MET D 18 -14.62 1.45 19.59
CA MET D 18 -14.89 2.80 19.20
C MET D 18 -14.40 3.79 20.23
N GLU D 19 -14.65 3.49 21.49
CA GLU D 19 -14.23 4.32 22.60
C GLU D 19 -12.72 4.36 22.71
N THR D 20 -12.09 3.26 22.31
CA THR D 20 -10.64 3.18 22.27
C THR D 20 -10.13 3.98 21.07
N LEU D 21 -10.91 3.96 19.99
CA LEU D 21 -10.57 4.70 18.78
C LEU D 21 -10.64 6.20 19.03
N LEU D 22 -11.50 6.62 19.96
CA LEU D 22 -11.60 8.03 20.33
C LEU D 22 -10.33 8.52 20.99
N ALA D 23 -9.69 7.65 21.76
CA ALA D 23 -8.42 7.99 22.41
C ALA D 23 -7.32 8.17 21.37
N THR D 24 -7.39 7.38 20.31
CA THR D 24 -6.46 7.50 19.19
C THR D 24 -6.65 8.85 18.49
N PHE D 25 -7.91 9.25 18.33
CA PHE D 25 -8.24 10.56 17.77
C PHE D 25 -7.67 11.69 18.64
N GLY D 26 -7.91 11.58 19.95
CA GLY D 26 -7.47 12.60 20.89
C GLY D 26 -5.98 12.85 20.87
N GLU D 27 -5.19 11.77 20.91
CA GLU D 27 -3.75 11.87 20.91
C GLU D 27 -3.20 12.48 19.62
N ALA D 28 -3.68 11.97 18.50
CA ALA D 28 -3.21 12.39 17.18
C ALA D 28 -3.56 13.85 16.92
N PHE D 29 -4.73 14.27 17.38
CA PHE D 29 -5.20 15.64 17.15
C PHE D 29 -4.74 16.59 18.26
N ASN D 30 -3.96 16.05 19.20
CA ASN D 30 -3.46 16.81 20.35
C ASN D 30 -4.56 17.50 21.14
N ASP D 31 -5.71 16.85 21.24
CA ASP D 31 -6.87 17.40 21.91
C ASP D 31 -7.67 16.27 22.54
N MET D 32 -7.22 15.83 23.72
CA MET D 32 -7.79 14.68 24.42
C MET D 32 -9.15 15.01 25.07
N GLU D 33 -9.35 16.29 25.37
CA GLU D 33 -10.49 16.81 26.12
C GLU D 33 -11.74 16.78 25.28
N THR D 34 -11.59 16.91 23.98
CA THR D 34 -12.74 16.92 23.09
C THR D 34 -13.23 15.52 22.79
N TYR D 35 -12.30 14.60 22.57
CA TYR D 35 -12.64 13.27 22.09
C TYR D 35 -12.87 12.25 23.20
N THR D 36 -12.28 12.49 24.37
CA THR D 36 -12.42 11.54 25.48
C THR D 36 -12.93 12.21 26.75
N GLY D 37 -12.95 13.54 26.77
CA GLY D 37 -13.37 14.29 27.94
C GLY D 37 -14.83 14.07 28.32
N ASN D 38 -15.67 13.82 27.32
CA ASN D 38 -17.09 13.59 27.56
C ASN D 38 -17.66 12.63 26.53
N ARG D 39 -17.39 11.34 26.74
CA ARG D 39 -17.81 10.29 25.81
C ARG D 39 -19.33 10.03 25.87
N PRO D 40 -19.91 9.58 24.76
CA PRO D 40 -21.31 9.17 24.69
C PRO D 40 -21.63 8.01 25.63
N ARG D 41 -22.89 7.74 25.84
CA ARG D 41 -23.29 6.63 26.61
C ARG D 41 -23.12 5.59 25.55
N GLY D 42 -22.96 4.34 25.93
CA GLY D 42 -22.76 3.26 25.00
C GLY D 42 -23.91 3.04 24.05
N ALA D 43 -25.13 3.25 24.54
CA ALA D 43 -26.32 3.05 23.72
C ALA D 43 -26.35 4.05 22.57
N TYR D 44 -25.90 5.27 22.85
CA TYR D 44 -25.80 6.30 21.82
C TYR D 44 -24.78 5.88 20.76
N SER D 45 -23.68 5.30 21.21
CA SER D 45 -22.63 4.86 20.29
C SER D 45 -23.09 3.73 19.40
N ARG D 46 -23.84 2.78 19.97
CA ARG D 46 -24.41 1.70 19.17
C ARG D 46 -25.44 2.24 18.19
N ARG D 47 -26.27 3.17 18.67
CA ARG D 47 -27.26 3.83 17.83
C ARG D 47 -26.65 4.47 16.60
N LEU D 48 -25.48 5.07 16.77
CA LEU D 48 -24.79 5.72 15.67
C LEU D 48 -24.18 4.69 14.73
N LEU D 49 -23.66 3.60 15.29
CA LEU D 49 -23.05 2.55 14.51
C LEU D 49 -24.10 1.76 13.74
N GLU D 50 -25.33 1.74 14.25
CA GLU D 50 -26.43 1.07 13.58
C GLU D 50 -27.00 1.91 12.43
N SER D 51 -26.65 3.19 12.41
CA SER D 51 -27.18 4.10 11.38
C SER D 51 -26.69 3.73 9.99
N ASP D 52 -27.37 4.24 8.97
CA ASP D 52 -27.05 3.88 7.60
C ASP D 52 -26.01 4.78 6.95
N TYR D 53 -25.69 5.91 7.57
CA TYR D 53 -24.82 6.90 6.96
CA TYR D 53 -24.79 6.86 6.93
C TYR D 53 -23.46 7.02 7.66
N PHE D 54 -23.36 6.54 8.89
CA PHE D 54 -22.10 6.68 9.62
C PHE D 54 -21.16 5.54 9.35
N ILE D 55 -19.89 5.87 9.11
CA ILE D 55 -18.86 4.87 8.84
C ILE D 55 -17.66 5.07 9.75
N ALA D 56 -17.30 4.05 10.51
CA ALA D 56 -16.13 4.13 11.39
C ALA D 56 -15.15 3.02 11.07
N LEU D 57 -13.92 3.41 10.74
CA LEU D 57 -12.88 2.44 10.38
C LEU D 57 -11.75 2.45 11.40
N ALA D 58 -11.19 1.27 11.67
CA ALA D 58 -10.08 1.16 12.60
C ALA D 58 -8.93 0.42 11.96
N ALA D 59 -7.73 0.99 12.04
CA ALA D 59 -6.52 0.33 11.56
C ALA D 59 -5.84 -0.41 12.71
N LEU D 60 -5.66 -1.72 12.54
CA LEU D 60 -5.09 -2.55 13.59
C LEU D 60 -3.80 -3.24 13.13
N GLU D 61 -2.79 -3.24 13.99
CA GLU D 61 -1.56 -3.97 13.73
C GLU D 61 -0.93 -4.44 15.03
N TYR D 62 -0.47 -5.70 15.04
CA TYR D 62 0.14 -6.30 16.22
C TYR D 62 -0.80 -6.26 17.44
N GLY D 63 -2.10 -6.32 17.18
CA GLY D 63 -3.09 -6.39 18.24
C GLY D 63 -3.49 -5.06 18.85
N GLU D 64 -3.07 -3.96 18.23
CA GLU D 64 -3.43 -2.65 18.75
C GLU D 64 -3.87 -1.69 17.65
N ILE D 65 -4.63 -0.66 18.02
CA ILE D 65 -5.07 0.37 17.07
C ILE D 65 -3.92 1.29 16.70
N VAL D 66 -3.71 1.47 15.40
CA VAL D 66 -2.63 2.34 14.92
C VAL D 66 -3.20 3.51 14.14
N GLY D 67 -4.52 3.57 14.01
CA GLY D 67 -5.17 4.64 13.29
C GLY D 67 -6.66 4.41 13.11
N GLY D 68 -7.37 5.43 12.63
CA GLY D 68 -8.79 5.32 12.43
C GLY D 68 -9.37 6.36 11.49
N LEU D 69 -10.64 6.18 11.14
CA LEU D 69 -11.31 7.09 10.23
C LEU D 69 -12.80 7.11 10.55
N ALA D 70 -13.38 8.31 10.55
CA ALA D 70 -14.82 8.48 10.75
C ALA D 70 -15.40 9.27 9.58
N ALA D 71 -16.40 8.69 8.93
CA ALA D 71 -16.98 9.32 7.74
C ALA D 71 -18.50 9.27 7.76
N TYR D 72 -19.12 10.12 6.93
CA TYR D 72 -20.56 10.15 6.78
C TYR D 72 -20.94 9.96 5.32
N GLU D 73 -21.88 9.06 5.07
CA GLU D 73 -22.40 8.90 3.72
C GLU D 73 -23.46 9.96 3.47
N LEU D 74 -23.27 10.75 2.42
CA LEU D 74 -24.21 11.80 2.05
C LEU D 74 -25.04 11.39 0.84
N LYS D 75 -26.25 10.89 1.09
CA LYS D 75 -27.16 10.55 0.01
C LYS D 75 -27.70 11.83 -0.62
N LYS D 76 -27.38 12.04 -1.88
CA LYS D 76 -27.70 13.29 -2.55
C LYS D 76 -29.16 13.43 -2.95
N PHE D 77 -29.58 14.67 -3.14
CA PHE D 77 -30.97 15.00 -3.40
C PHE D 77 -31.21 15.33 -4.87
N GLU D 78 -30.18 15.83 -5.54
CA GLU D 78 -30.32 16.24 -6.94
C GLU D 78 -30.31 15.02 -7.86
N GLN D 79 -29.59 13.98 -7.45
CA GLN D 79 -29.50 12.75 -8.22
C GLN D 79 -29.47 11.54 -7.30
N GLU D 80 -29.74 10.35 -7.86
CA GLU D 80 -29.63 9.13 -7.08
C GLU D 80 -28.18 8.69 -6.96
N ARG D 81 -27.39 9.49 -6.26
CA ARG D 81 -25.99 9.18 -6.03
C ARG D 81 -25.64 9.46 -4.59
N SER D 82 -24.38 9.26 -4.25
CA SER D 82 -23.92 9.41 -2.87
C SER D 82 -22.47 9.88 -2.79
N GLU D 83 -22.18 10.66 -1.76
CA GLU D 83 -20.82 11.14 -1.51
C GLU D 83 -20.38 10.79 -0.09
N ILE D 84 -19.18 10.24 0.03
CA ILE D 84 -18.64 9.90 1.35
C ILE D 84 -17.80 11.07 1.89
N TYR D 85 -18.19 11.56 3.06
CA TYR D 85 -17.50 12.68 3.68
C TYR D 85 -16.64 12.23 4.86
N ILE D 86 -15.33 12.15 4.63
CA ILE D 86 -14.40 11.85 5.71
C ILE D 86 -14.37 13.02 6.68
N TYR D 87 -14.79 12.79 7.92
CA TYR D 87 -14.74 13.85 8.91
C TYR D 87 -13.37 13.92 9.56
N ASP D 88 -12.96 12.83 10.19
CA ASP D 88 -11.67 12.77 10.86
C ASP D 88 -10.87 11.53 10.44
N LEU D 89 -9.58 11.75 10.17
CA LEU D 89 -8.66 10.67 9.86
C LEU D 89 -7.41 10.84 10.72
N ALA D 90 -7.17 9.89 11.62
CA ALA D 90 -6.03 9.99 12.52
C ALA D 90 -5.10 8.79 12.42
N VAL D 91 -3.80 9.05 12.54
CA VAL D 91 -2.81 8.01 12.61
C VAL D 91 -1.92 8.28 13.81
N ALA D 92 -1.66 7.27 14.62
CA ALA D 92 -0.81 7.42 15.80
C ALA D 92 0.55 8.00 15.43
N LYS D 93 1.05 8.91 16.28
CA LYS D 93 2.30 9.64 16.02
C LYS D 93 3.50 8.74 15.80
N ALA D 94 3.46 7.55 16.41
CA ALA D 94 4.57 6.62 16.34
C ALA D 94 4.51 5.80 15.06
N HIS D 95 3.39 5.90 14.36
CA HIS D 95 3.15 5.07 13.19
C HIS D 95 2.81 5.90 11.96
N ARG D 96 3.45 7.06 11.85
CA ARG D 96 3.33 7.92 10.68
C ARG D 96 4.30 7.50 9.59
N ARG D 97 3.90 7.68 8.35
CA ARG D 97 4.68 7.38 7.18
C ARG D 97 4.80 5.98 6.71
N ARG D 98 3.87 5.15 7.08
CA ARG D 98 3.88 3.79 6.62
C ARG D 98 2.69 3.22 5.89
N GLY D 99 1.79 4.05 5.38
CA GLY D 99 0.71 3.64 4.51
C GLY D 99 -0.56 3.30 5.27
N ILE D 100 -0.64 3.72 6.52
CA ILE D 100 -1.82 3.46 7.33
C ILE D 100 -3.00 4.28 6.85
N ALA D 101 -2.78 5.59 6.69
CA ALA D 101 -3.83 6.47 6.20
C ALA D 101 -4.25 6.07 4.79
N THR D 102 -3.28 5.62 4.00
CA THR D 102 -3.54 5.11 2.67
C THR D 102 -4.39 3.85 2.73
N ALA D 103 -4.11 2.99 3.71
CA ALA D 103 -4.88 1.77 3.90
C ALA D 103 -6.31 2.07 4.34
N LEU D 104 -6.45 3.10 5.17
CA LEU D 104 -7.77 3.51 5.65
C LEU D 104 -8.65 4.02 4.50
N ILE D 105 -8.08 4.89 3.68
CA ILE D 105 -8.83 5.48 2.58
C ILE D 105 -9.16 4.43 1.51
N GLU D 106 -8.23 3.52 1.27
CA GLU D 106 -8.45 2.47 0.28
C GLU D 106 -9.54 1.50 0.73
N LYS D 107 -9.67 1.33 2.04
CA LYS D 107 -10.76 0.52 2.59
C LYS D 107 -12.08 1.25 2.41
N LEU D 108 -12.03 2.56 2.59
CA LEU D 108 -13.22 3.39 2.45
C LEU D 108 -13.73 3.39 1.01
N LYS D 109 -12.80 3.32 0.06
CA LYS D 109 -13.16 3.27 -1.35
C LYS D 109 -13.94 2.01 -1.67
N GLU D 110 -13.52 0.89 -1.09
CA GLU D 110 -14.17 -0.39 -1.31
C GLU D 110 -15.60 -0.35 -0.75
N LEU D 111 -15.75 0.28 0.42
CA LEU D 111 -17.06 0.44 1.02
C LEU D 111 -17.93 1.40 0.20
N GLY D 112 -17.30 2.48 -0.26
CA GLY D 112 -18.00 3.47 -1.07
C GLY D 112 -18.45 2.93 -2.40
N ALA D 113 -17.63 2.07 -2.99
CA ALA D 113 -17.96 1.46 -4.28
C ALA D 113 -19.15 0.52 -4.14
N ALA D 114 -19.21 -0.20 -3.01
CA ALA D 114 -20.30 -1.13 -2.76
C ALA D 114 -21.57 -0.41 -2.34
N ARG D 115 -21.45 0.87 -2.00
CA ARG D 115 -22.59 1.67 -1.59
C ARG D 115 -23.15 2.52 -2.74
N GLY D 116 -22.43 2.53 -3.86
CA GLY D 116 -22.84 3.32 -5.01
C GLY D 116 -22.33 4.74 -4.95
N ALA D 117 -21.49 5.03 -3.96
CA ALA D 117 -20.87 6.34 -3.84
C ALA D 117 -19.87 6.55 -4.96
N TYR D 118 -19.89 7.73 -5.56
CA TYR D 118 -19.06 8.02 -6.72
C TYR D 118 -17.83 8.85 -6.37
N VAL D 119 -17.84 9.46 -5.20
CA VAL D 119 -16.74 10.32 -4.79
C VAL D 119 -16.57 10.37 -3.27
N ILE D 120 -15.32 10.54 -2.84
CA ILE D 120 -15.00 10.75 -1.44
C ILE D 120 -14.31 12.11 -1.29
N PHE D 121 -14.80 12.95 -0.39
CA PHE D 121 -14.13 14.23 -0.18
C PHE D 121 -13.75 14.43 1.29
N VAL D 122 -12.54 14.95 1.48
CA VAL D 122 -11.96 15.16 2.80
C VAL D 122 -11.37 16.57 2.85
N GLN D 123 -11.03 17.04 4.05
CA GLN D 123 -10.59 18.42 4.23
C GLN D 123 -9.53 18.60 5.31
N ALA D 124 -8.61 19.53 5.08
CA ALA D 124 -7.49 19.76 5.97
C ALA D 124 -7.18 21.25 6.16
N ASP D 125 -6.29 21.54 7.10
CA ASP D 125 -5.96 22.92 7.45
C ASP D 125 -4.85 23.53 6.61
N THR D 126 -4.41 24.70 7.04
CA THR D 126 -3.24 25.37 6.48
C THR D 126 -2.23 25.59 7.60
N ALA D 127 -2.53 24.98 8.76
CA ALA D 127 -1.80 25.25 9.99
C ALA D 127 -0.36 24.72 10.00
N ILE D 128 0.27 24.86 11.16
CA ILE D 128 1.68 24.54 11.38
C ILE D 128 1.96 23.03 11.35
N GLU D 129 1.00 22.26 11.85
CA GLU D 129 1.21 20.85 12.14
C GLU D 129 0.39 19.95 11.22
N ASP D 130 -0.43 20.57 10.37
CA ASP D 130 -1.36 19.82 9.54
C ASP D 130 -0.86 19.60 8.11
N GLU D 131 0.46 19.51 7.95
CA GLU D 131 1.06 19.31 6.63
C GLU D 131 1.11 17.86 6.11
N PRO D 132 1.38 16.86 6.99
CA PRO D 132 1.41 15.48 6.50
C PRO D 132 0.12 15.03 5.80
N ALA D 133 -1.02 15.58 6.20
CA ALA D 133 -2.30 15.17 5.63
C ALA D 133 -2.50 15.73 4.22
N ILE D 134 -1.99 16.93 3.98
CA ILE D 134 -2.19 17.62 2.71
C ILE D 134 -1.51 16.90 1.55
N ALA D 135 -0.31 16.40 1.78
CA ALA D 135 0.45 15.70 0.75
C ALA D 135 -0.23 14.40 0.35
N LEU D 136 -0.76 13.69 1.34
CA LEU D 136 -1.46 12.44 1.07
C LEU D 136 -2.72 12.70 0.25
N TYR D 137 -3.51 13.67 0.69
CA TYR D 137 -4.75 14.03 -0.01
C TYR D 137 -4.46 14.58 -1.40
N SER D 138 -3.28 15.14 -1.59
CA SER D 138 -2.89 15.70 -2.88
C SER D 138 -2.60 14.60 -3.90
N LYS D 139 -1.94 13.54 -3.46
CA LYS D 139 -1.65 12.40 -4.32
C LYS D 139 -2.92 11.59 -4.58
N LEU D 140 -3.92 11.76 -3.75
CA LEU D 140 -5.12 10.99 -3.96
C LEU D 140 -6.23 11.58 -4.83
N GLY D 141 -6.40 12.87 -4.78
CA GLY D 141 -7.44 13.49 -5.56
C GLY D 141 -7.18 14.91 -5.92
N VAL D 142 -8.14 15.53 -6.61
CA VAL D 142 -7.94 16.92 -7.01
C VAL D 142 -8.05 17.88 -5.82
N ARG D 143 -7.06 18.77 -5.70
CA ARG D 143 -6.99 19.78 -4.66
C ARG D 143 -7.80 21.01 -5.05
N GLU D 144 -8.70 21.44 -4.17
CA GLU D 144 -9.53 22.61 -4.47
C GLU D 144 -9.57 23.59 -3.29
N GLU D 145 -9.20 24.83 -3.57
CA GLU D 145 -9.19 25.87 -2.53
C GLU D 145 -10.61 26.35 -2.23
N VAL D 146 -10.90 26.49 -0.94
CA VAL D 146 -12.23 26.82 -0.45
C VAL D 146 -12.16 27.52 0.89
N LEU D 147 -13.25 28.14 1.31
CA LEU D 147 -13.34 28.83 2.59
C LEU D 147 -14.47 28.15 3.36
N HIS D 148 -14.29 27.98 4.68
CA HIS D 148 -15.22 27.35 5.70
C HIS D 148 -15.70 28.33 6.86
N PHE D 149 -17.02 28.46 7.08
CA PHE D 149 -17.70 29.32 8.07
C PHE D 149 -18.37 28.40 9.14
N ASP D 150 -18.25 28.71 10.42
CA ASP D 150 -18.84 27.96 11.51
C ASP D 150 -19.85 28.92 12.24
N ILE D 151 -21.16 28.66 12.33
CA ILE D 151 -22.14 29.51 12.96
C ILE D 151 -22.85 28.90 14.14
N PRO D 152 -22.78 29.53 15.32
CA PRO D 152 -23.43 29.06 16.55
C PRO D 152 -24.96 29.14 16.42
N VAL D 153 -25.67 28.22 17.06
CA VAL D 153 -27.12 28.11 16.87
C VAL D 153 -27.95 28.68 18.03
N SER D 154 -27.32 28.72 19.22
CA SER D 154 -27.97 29.03 20.50
C SER D 154 -29.33 28.36 20.65
N SER E 4 2.23 39.13 -5.39
CA SER E 4 2.67 38.12 -4.44
C SER E 4 3.37 36.97 -5.16
N LEU E 5 3.12 35.75 -4.68
CA LEU E 5 3.67 34.55 -5.30
C LEU E 5 2.91 33.31 -4.81
N ASP E 6 2.89 32.27 -5.64
CA ASP E 6 2.21 31.02 -5.30
C ASP E 6 3.11 29.82 -5.55
N VAL E 7 3.74 29.32 -4.49
CA VAL E 7 4.58 28.13 -4.59
C VAL E 7 3.85 26.94 -4.01
N HIS E 8 3.63 25.91 -4.84
CA HIS E 8 2.96 24.71 -4.37
C HIS E 8 3.58 23.46 -5.00
N GLN E 9 3.30 22.31 -4.37
CA GLN E 9 3.85 21.04 -4.84
C GLN E 9 2.97 20.44 -5.94
N LEU E 10 3.63 19.89 -6.96
CA LEU E 10 2.92 19.24 -8.05
C LEU E 10 2.30 17.92 -7.60
N SER E 11 1.17 17.59 -8.20
CA SER E 11 0.42 16.39 -7.85
C SER E 11 0.39 15.42 -9.03
N PRO E 12 0.12 14.12 -8.77
CA PRO E 12 -0.01 13.09 -9.79
C PRO E 12 -0.85 13.50 -11.00
N ASN E 13 -1.93 14.23 -10.81
CA ASN E 13 -2.66 14.64 -12.00
C ASN E 13 -2.38 16.08 -12.39
N GLU E 14 -1.10 16.45 -12.33
CA GLU E 14 -0.60 17.70 -12.85
C GLU E 14 0.59 17.44 -13.75
N VAL E 15 0.51 16.37 -14.54
CA VAL E 15 1.63 15.96 -15.39
C VAL E 15 1.80 16.92 -16.57
N ALA E 16 0.70 17.54 -17.01
CA ALA E 16 0.76 18.51 -18.09
C ALA E 16 1.45 19.78 -17.61
N LEU E 17 1.47 19.96 -16.30
CA LEU E 17 2.13 21.10 -15.68
C LEU E 17 3.60 20.77 -15.43
N MET E 18 3.87 19.50 -15.10
CA MET E 18 5.24 19.03 -14.92
C MET E 18 6.02 19.17 -16.20
N GLU E 19 5.35 18.82 -17.29
CA GLU E 19 5.92 18.89 -18.62
C GLU E 19 6.19 20.33 -19.06
N THR E 20 5.43 21.26 -18.47
CA THR E 20 5.67 22.69 -18.68
C THR E 20 6.88 23.12 -17.86
N LEU E 21 6.96 22.62 -16.64
CA LEU E 21 8.10 22.87 -15.77
C LEU E 21 9.39 22.34 -16.40
N LEU E 22 9.27 21.23 -17.12
CA LEU E 22 10.39 20.63 -17.83
C LEU E 22 10.95 21.58 -18.86
N ALA E 23 10.06 22.37 -19.47
CA ALA E 23 10.47 23.36 -20.46
C ALA E 23 11.12 24.58 -19.79
N THR E 24 10.65 24.90 -18.58
CA THR E 24 11.21 26.01 -17.81
C THR E 24 12.66 25.73 -17.46
N PHE E 25 12.95 24.47 -17.11
CA PHE E 25 14.32 24.03 -16.87
C PHE E 25 15.17 24.23 -18.13
N GLY E 26 14.57 23.95 -19.28
CA GLY E 26 15.28 23.99 -20.54
C GLY E 26 15.78 25.35 -20.98
N GLU E 27 15.29 26.42 -20.37
CA GLU E 27 15.73 27.75 -20.76
C GLU E 27 16.62 28.38 -19.70
N ALA E 28 16.36 28.08 -18.43
CA ALA E 28 17.26 28.50 -17.36
C ALA E 28 18.60 27.81 -17.56
N PHE E 29 18.57 26.56 -17.93
CA PHE E 29 19.79 25.80 -18.16
C PHE E 29 20.39 25.85 -19.56
N ASN E 30 19.67 26.45 -20.50
CA ASN E 30 20.16 26.55 -21.89
C ASN E 30 20.47 25.20 -22.57
N ASP E 31 19.56 24.23 -22.38
CA ASP E 31 19.66 22.88 -22.88
C ASP E 31 18.24 22.38 -23.12
N MET E 32 17.56 23.05 -24.05
CA MET E 32 16.20 22.69 -24.45
C MET E 32 16.20 21.45 -25.36
N GLU E 33 16.91 20.41 -24.92
CA GLU E 33 17.00 19.16 -25.66
C GLU E 33 17.26 17.98 -24.71
N THR E 34 17.92 18.27 -23.60
CA THR E 34 18.08 17.27 -22.54
C THR E 34 16.80 17.20 -21.72
N TYR E 35 16.24 18.37 -21.44
CA TYR E 35 15.06 18.47 -20.59
C TYR E 35 13.77 18.35 -21.38
N THR E 36 13.83 18.46 -22.69
CA THR E 36 12.61 18.47 -23.49
C THR E 36 12.73 17.80 -24.86
N GLY E 37 13.95 17.39 -25.22
CA GLY E 37 14.16 16.75 -26.50
C GLY E 37 13.95 15.25 -26.44
N ASN E 38 13.59 14.75 -25.26
CA ASN E 38 13.34 13.34 -25.05
C ASN E 38 12.56 13.10 -23.76
N ARG E 39 11.40 13.75 -23.66
CA ARG E 39 10.57 13.67 -22.46
C ARG E 39 9.99 12.27 -22.27
N PRO E 40 9.79 11.88 -21.00
CA PRO E 40 9.20 10.58 -20.66
C PRO E 40 7.77 10.42 -21.16
N ARG E 41 7.23 9.21 -21.02
CA ARG E 41 5.83 8.96 -21.34
C ARG E 41 4.93 9.66 -20.34
N GLY E 42 3.67 9.86 -20.71
CA GLY E 42 2.70 10.41 -19.79
C GLY E 42 2.51 9.45 -18.63
N ALA E 43 2.64 8.16 -18.91
CA ALA E 43 2.49 7.13 -17.90
C ALA E 43 3.62 7.21 -16.88
N TYR E 44 4.84 7.32 -17.37
CA TYR E 44 6.03 7.32 -16.51
C TYR E 44 6.02 8.45 -15.48
N SER E 45 5.67 9.66 -15.92
CA SER E 45 5.84 10.86 -15.09
C SER E 45 4.92 10.91 -13.88
N ARG E 46 3.75 10.28 -13.97
CA ARG E 46 2.84 10.21 -12.84
C ARG E 46 3.33 9.24 -11.79
N ARG E 47 3.90 8.13 -12.26
CA ARG E 47 4.54 7.15 -11.38
C ARG E 47 5.54 7.86 -10.49
N LEU E 48 6.31 8.74 -11.09
CA LEU E 48 7.33 9.51 -10.39
C LEU E 48 6.72 10.51 -9.43
N LEU E 49 5.62 11.13 -9.85
CA LEU E 49 4.94 12.12 -9.01
C LEU E 49 4.17 11.43 -7.88
N GLU E 50 3.75 10.20 -8.12
CA GLU E 50 3.05 9.42 -7.10
C GLU E 50 4.02 8.84 -6.09
N SER E 51 5.30 8.78 -6.45
CA SER E 51 6.34 8.33 -5.53
C SER E 51 6.40 9.30 -4.36
N ASP E 52 6.86 8.85 -3.21
CA ASP E 52 6.78 9.71 -2.05
C ASP E 52 8.13 10.33 -1.69
N TYR E 53 9.19 9.95 -2.41
CA TYR E 53 10.50 10.58 -2.16
C TYR E 53 10.84 11.65 -3.20
N PHE E 54 10.11 11.68 -4.31
CA PHE E 54 10.34 12.73 -5.30
C PHE E 54 9.46 13.94 -5.02
N ILE E 55 10.07 15.12 -5.04
CA ILE E 55 9.33 16.36 -4.77
C ILE E 55 9.47 17.34 -5.93
N ALA E 56 8.34 17.70 -6.53
CA ALA E 56 8.32 18.67 -7.61
C ALA E 56 7.59 19.93 -7.19
N LEU E 57 8.28 21.07 -7.28
CA LEU E 57 7.71 22.35 -6.89
C LEU E 57 7.70 23.33 -8.06
N ALA E 58 6.56 23.98 -8.26
CA ALA E 58 6.43 25.00 -9.31
C ALA E 58 5.93 26.30 -8.72
N ALA E 59 6.70 27.37 -8.94
CA ALA E 59 6.28 28.69 -8.50
C ALA E 59 5.47 29.37 -9.59
N LEU E 60 4.23 29.73 -9.24
CA LEU E 60 3.39 30.48 -10.16
C LEU E 60 3.19 31.94 -9.67
N GLU E 61 2.88 32.80 -10.65
CA GLU E 61 2.58 34.21 -10.39
C GLU E 61 1.54 34.46 -11.50
N TYR E 62 0.28 34.70 -11.18
CA TYR E 62 -0.68 35.04 -12.24
C TYR E 62 -1.07 33.85 -13.08
N GLY E 63 -1.08 32.67 -12.47
CA GLY E 63 -1.43 31.45 -13.21
C GLY E 63 -0.46 30.77 -14.22
N GLU E 64 0.85 31.02 -14.11
CA GLU E 64 1.92 30.54 -14.98
C GLU E 64 3.30 30.34 -14.33
N ILE E 65 4.12 29.44 -14.88
CA ILE E 65 5.41 29.09 -14.30
C ILE E 65 6.46 30.20 -14.41
N VAL E 66 7.07 30.54 -13.28
CA VAL E 66 8.23 31.42 -13.27
C VAL E 66 9.46 30.74 -12.68
N GLY E 67 9.24 29.84 -11.73
CA GLY E 67 10.32 29.14 -11.08
C GLY E 67 9.91 27.69 -10.90
N GLY E 68 10.90 26.85 -10.63
CA GLY E 68 10.62 25.44 -10.45
C GLY E 68 11.72 24.75 -9.67
N LEU E 69 11.37 23.63 -9.06
CA LEU E 69 12.31 22.91 -8.23
C LEU E 69 12.02 21.42 -8.29
N ALA E 70 13.08 20.62 -8.40
CA ALA E 70 12.93 19.18 -8.35
C ALA E 70 13.90 18.61 -7.33
N ALA E 71 13.36 17.84 -6.37
CA ALA E 71 14.16 17.34 -5.27
C ALA E 71 13.85 15.87 -4.95
N TYR E 72 14.74 15.26 -4.18
CA TYR E 72 14.55 13.89 -3.73
C TYR E 72 14.73 13.80 -2.22
N GLU E 73 13.76 13.20 -1.54
CA GLU E 73 13.88 12.94 -0.12
C GLU E 73 14.71 11.69 0.11
N LEU E 74 15.84 11.85 0.78
CA LEU E 74 16.71 10.72 1.07
C LEU E 74 16.52 10.28 2.52
N LYS E 75 15.78 9.20 2.71
CA LYS E 75 15.56 8.64 4.03
C LYS E 75 16.85 8.00 4.55
N LYS E 76 17.37 8.51 5.66
CA LYS E 76 18.67 8.06 6.15
C LYS E 76 18.56 6.70 6.85
N PHE E 77 19.69 6.00 6.88
CA PHE E 77 19.74 4.63 7.39
C PHE E 77 20.35 4.56 8.79
N GLU E 78 21.16 5.56 9.13
CA GLU E 78 21.83 5.57 10.42
C GLU E 78 20.89 6.05 11.52
N GLN E 79 19.91 6.86 11.14
CA GLN E 79 18.91 7.40 12.07
C GLN E 79 17.58 7.57 11.36
N GLU E 80 16.50 7.70 12.12
CA GLU E 80 15.19 7.95 11.55
C GLU E 80 15.04 9.42 11.18
N ARG E 81 15.82 9.86 10.18
CA ARG E 81 15.79 11.24 9.71
C ARG E 81 15.89 11.25 8.20
N SER E 82 15.62 12.40 7.59
CA SER E 82 15.66 12.51 6.14
C SER E 82 16.52 13.67 5.67
N GLU E 83 16.99 13.59 4.43
CA GLU E 83 17.73 14.68 3.82
C GLU E 83 17.18 14.99 2.44
N ILE E 84 16.87 16.25 2.20
CA ILE E 84 16.31 16.66 0.92
C ILE E 84 17.41 17.07 -0.06
N TYR E 85 17.52 16.32 -1.16
CA TYR E 85 18.49 16.62 -2.19
C TYR E 85 17.83 17.40 -3.34
N ILE E 86 18.11 18.69 -3.43
CA ILE E 86 17.65 19.48 -4.57
C ILE E 86 18.49 19.13 -5.80
N TYR E 87 17.85 18.56 -6.81
CA TYR E 87 18.59 18.20 -8.01
C TYR E 87 18.67 19.37 -8.98
N ASP E 88 17.53 20.00 -9.24
CA ASP E 88 17.49 21.15 -10.13
C ASP E 88 16.59 22.25 -9.58
N LEU E 89 17.09 23.48 -9.64
CA LEU E 89 16.35 24.67 -9.25
C LEU E 89 16.48 25.72 -10.36
N ALA E 90 15.35 26.19 -10.88
CA ALA E 90 15.40 27.11 -12.01
C ALA E 90 14.32 28.17 -11.96
N VAL E 91 14.65 29.37 -12.44
CA VAL E 91 13.70 30.46 -12.53
C VAL E 91 13.78 31.11 -13.92
N ALA E 92 12.62 31.38 -14.51
CA ALA E 92 12.57 32.01 -15.83
C ALA E 92 13.34 33.33 -15.79
N LYS E 93 14.04 33.63 -16.87
CA LYS E 93 14.93 34.79 -16.89
C LYS E 93 14.16 36.11 -16.75
N ALA E 94 13.04 36.23 -17.46
CA ALA E 94 12.21 37.43 -17.41
C ALA E 94 11.93 37.87 -15.97
N HIS E 95 11.61 36.90 -15.13
CA HIS E 95 11.35 37.15 -13.73
C HIS E 95 12.50 36.67 -12.85
N ARG E 96 13.66 37.30 -13.01
CA ARG E 96 14.80 36.97 -12.14
C ARG E 96 15.10 38.13 -11.21
N ARG E 97 15.55 37.80 -10.00
CA ARG E 97 15.91 38.74 -8.93
C ARG E 97 14.72 39.27 -8.15
N ARG E 98 13.59 38.55 -8.16
CA ARG E 98 12.40 39.04 -7.45
C ARG E 98 12.10 38.23 -6.19
N GLY E 99 13.10 37.55 -5.66
CA GLY E 99 12.93 36.74 -4.46
C GLY E 99 12.14 35.46 -4.69
N ILE E 100 12.14 34.98 -5.93
CA ILE E 100 11.37 33.80 -6.29
C ILE E 100 12.05 32.51 -5.83
N ALA E 101 13.34 32.39 -6.11
CA ALA E 101 14.10 31.20 -5.71
C ALA E 101 14.11 31.04 -4.20
N THR E 102 14.07 32.16 -3.48
CA THR E 102 14.01 32.13 -2.04
C THR E 102 12.71 31.50 -1.57
N ALA E 103 11.61 31.88 -2.20
CA ALA E 103 10.29 31.39 -1.83
C ALA E 103 10.12 29.90 -2.12
N LEU E 104 10.86 29.40 -3.11
CA LEU E 104 10.84 27.99 -3.45
C LEU E 104 11.51 27.16 -2.36
N ILE E 105 12.63 27.66 -1.85
CA ILE E 105 13.38 26.95 -0.82
C ILE E 105 12.67 27.03 0.52
N GLU E 106 12.06 28.19 0.81
CA GLU E 106 11.29 28.35 2.05
C GLU E 106 10.12 27.37 2.10
N LYS E 107 9.48 27.15 0.95
CA LYS E 107 8.41 26.17 0.85
C LYS E 107 8.95 24.76 1.09
N LEU E 108 10.14 24.49 0.57
CA LEU E 108 10.76 23.18 0.72
C LEU E 108 11.13 22.91 2.17
N LYS E 109 11.51 23.98 2.88
CA LYS E 109 11.83 23.89 4.31
C LYS E 109 10.63 23.41 5.11
N GLU E 110 9.47 23.96 4.79
CA GLU E 110 8.24 23.66 5.51
C GLU E 110 7.76 22.24 5.25
N LEU E 111 8.06 21.72 4.06
CA LEU E 111 7.65 20.36 3.71
C LEU E 111 8.67 19.35 4.18
N GLY E 112 9.94 19.75 4.21
CA GLY E 112 10.99 18.90 4.74
C GLY E 112 10.79 18.64 6.21
N ALA E 113 10.33 19.66 6.93
CA ALA E 113 10.06 19.56 8.35
C ALA E 113 8.93 18.56 8.63
N ALA E 114 7.98 18.48 7.71
CA ALA E 114 6.86 17.56 7.83
C ALA E 114 7.25 16.15 7.38
N ARG E 115 8.52 15.95 7.07
CA ARG E 115 9.04 14.65 6.65
C ARG E 115 10.16 14.20 7.56
N GLY E 116 10.50 15.03 8.54
CA GLY E 116 11.59 14.71 9.45
C GLY E 116 12.95 15.04 8.88
N ALA E 117 12.97 15.87 7.84
CA ALA E 117 14.22 16.29 7.23
C ALA E 117 14.89 17.36 8.08
N TYR E 118 16.18 17.16 8.37
CA TYR E 118 16.93 18.11 9.19
C TYR E 118 17.79 19.03 8.33
N VAL E 119 17.97 18.67 7.07
CA VAL E 119 18.80 19.46 6.17
C VAL E 119 18.35 19.35 4.72
N ILE E 120 18.49 20.45 3.99
CA ILE E 120 18.34 20.47 2.55
C ILE E 120 19.68 20.81 1.93
N PHE E 121 20.19 19.95 1.05
CA PHE E 121 21.45 20.26 0.40
C PHE E 121 21.29 20.32 -1.11
N VAL E 122 22.09 21.16 -1.74
CA VAL E 122 22.01 21.36 -3.17
C VAL E 122 23.42 21.59 -3.73
N GLN E 123 23.70 21.08 -4.91
CA GLN E 123 25.00 21.29 -5.54
C GLN E 123 24.94 22.44 -6.49
N ALA E 124 26.02 23.12 -6.55
CA ALA E 124 26.15 24.23 -7.47
C ALA E 124 27.48 24.11 -8.19
N ASP E 125 27.46 24.12 -9.50
CA ASP E 125 28.70 24.09 -10.27
CA ASP E 125 28.69 24.08 -10.27
C ASP E 125 29.45 25.40 -10.11
N THR E 126 30.32 25.74 -11.06
CA THR E 126 31.20 26.90 -10.91
C THR E 126 31.24 27.94 -12.00
N ALA E 127 30.61 27.59 -13.12
CA ALA E 127 30.55 28.40 -14.33
C ALA E 127 29.91 29.74 -14.08
N ILE E 128 30.39 30.74 -14.81
CA ILE E 128 29.97 32.10 -14.59
C ILE E 128 28.47 32.28 -14.67
N GLU E 129 27.78 31.38 -15.36
CA GLU E 129 26.35 31.62 -15.45
C GLU E 129 25.67 31.33 -14.12
N ASP E 130 26.37 30.62 -13.23
CA ASP E 130 25.75 30.08 -12.02
C ASP E 130 26.03 30.87 -10.74
N GLU E 131 26.61 32.05 -10.89
CA GLU E 131 26.88 32.91 -9.75
C GLU E 131 25.62 33.37 -8.99
N PRO E 132 24.48 33.60 -9.70
CA PRO E 132 23.27 33.87 -8.91
C PRO E 132 22.90 32.72 -7.98
N ALA E 133 23.03 31.48 -8.46
CA ALA E 133 22.72 30.32 -7.64
C ALA E 133 23.64 30.23 -6.44
N ILE E 134 24.93 30.39 -6.69
CA ILE E 134 25.94 30.36 -5.64
C ILE E 134 25.68 31.45 -4.62
N ALA E 135 25.27 32.62 -5.10
CA ALA E 135 24.94 33.73 -4.21
C ALA E 135 23.71 33.41 -3.36
N LEU E 136 22.67 32.90 -4.02
CA LEU E 136 21.44 32.51 -3.34
C LEU E 136 21.71 31.44 -2.29
N TYR E 137 22.51 30.45 -2.65
CA TYR E 137 22.79 29.32 -1.79
C TYR E 137 23.72 29.68 -0.64
N SER E 138 24.64 30.62 -0.88
CA SER E 138 25.66 30.96 0.12
C SER E 138 25.10 31.73 1.33
N LYS E 139 23.82 32.11 1.25
CA LYS E 139 23.23 32.92 2.30
C LYS E 139 22.22 32.14 3.14
N LEU E 140 21.83 30.98 2.64
CA LEU E 140 20.88 30.10 3.31
C LEU E 140 21.56 28.87 3.89
N GLY E 141 22.80 28.66 3.55
CA GLY E 141 23.50 27.50 4.03
C GLY E 141 24.96 27.85 3.93
N VAL E 142 25.75 27.15 4.72
CA VAL E 142 27.18 27.40 4.68
C VAL E 142 27.82 26.57 3.58
N ARG E 143 28.67 27.21 2.80
CA ARG E 143 29.30 26.49 1.69
C ARG E 143 30.40 25.51 2.09
N GLU E 144 30.56 24.47 1.28
CA GLU E 144 31.70 23.56 1.38
C GLU E 144 32.08 23.12 -0.03
N GLU E 145 33.37 23.19 -0.36
CA GLU E 145 33.82 22.79 -1.68
C GLU E 145 34.14 21.30 -1.72
N VAL E 146 33.45 20.57 -2.59
CA VAL E 146 33.62 19.13 -2.70
C VAL E 146 34.00 18.71 -4.12
N LEU E 147 34.32 17.43 -4.26
CA LEU E 147 34.61 16.85 -5.56
C LEU E 147 33.46 15.95 -6.03
N HIS E 148 33.07 16.08 -7.27
CA HIS E 148 32.01 15.30 -7.83
C HIS E 148 32.56 14.33 -8.84
N PHE E 149 32.16 13.07 -8.77
CA PHE E 149 32.64 12.04 -9.69
C PHE E 149 31.51 11.33 -10.41
N ASP E 150 31.61 11.24 -11.74
CA ASP E 150 30.63 10.50 -12.52
C ASP E 150 31.22 9.18 -12.99
N ILE E 151 30.73 8.08 -12.43
CA ILE E 151 31.22 6.75 -12.78
C ILE E 151 30.26 6.03 -13.72
N PRO E 152 30.74 5.71 -14.93
CA PRO E 152 29.92 5.00 -15.92
C PRO E 152 29.55 3.60 -15.47
N VAL E 153 28.30 3.20 -15.72
CA VAL E 153 27.83 1.87 -15.37
C VAL E 153 28.29 0.83 -16.38
N SER E 154 28.80 1.31 -17.51
CA SER E 154 29.20 0.49 -18.65
C SER E 154 29.88 -0.83 -18.29
N SER F 4 -45.76 37.47 2.59
CA SER F 4 -44.43 37.74 2.05
C SER F 4 -43.47 36.59 2.39
N LEU F 5 -42.29 36.90 2.90
CA LEU F 5 -41.26 35.88 3.07
C LEU F 5 -41.57 34.91 4.21
N ASP F 6 -41.67 33.63 3.87
CA ASP F 6 -41.92 32.57 4.83
C ASP F 6 -41.07 31.35 4.48
N VAL F 7 -40.20 30.93 5.40
CA VAL F 7 -39.34 29.79 5.17
C VAL F 7 -40.04 28.50 5.59
N HIS F 8 -39.94 27.47 4.77
CA HIS F 8 -40.70 26.25 4.96
C HIS F 8 -39.84 24.98 4.79
N GLN F 9 -39.83 24.14 5.82
CA GLN F 9 -39.12 22.86 5.72
C GLN F 9 -40.02 21.81 5.07
N LEU F 10 -39.46 21.09 4.11
CA LEU F 10 -40.22 20.11 3.35
C LEU F 10 -40.44 18.82 4.13
N SER F 11 -41.57 18.18 3.88
CA SER F 11 -41.88 16.88 4.46
C SER F 11 -41.88 15.83 3.36
N PRO F 12 -41.78 14.54 3.71
CA PRO F 12 -41.75 13.47 2.70
C PRO F 12 -42.96 13.44 1.77
N ASN F 13 -44.05 14.13 2.14
CA ASN F 13 -45.21 14.20 1.27
C ASN F 13 -45.13 15.36 0.29
N GLU F 14 -44.06 16.14 0.38
CA GLU F 14 -43.88 17.29 -0.49
C GLU F 14 -42.75 17.06 -1.50
N VAL F 15 -42.74 15.88 -2.10
CA VAL F 15 -41.73 15.53 -3.09
C VAL F 15 -41.83 16.45 -4.30
N ALA F 16 -43.06 16.81 -4.66
CA ALA F 16 -43.30 17.70 -5.78
C ALA F 16 -42.67 19.08 -5.56
N LEU F 17 -42.72 19.56 -4.32
CA LEU F 17 -42.14 20.86 -3.99
C LEU F 17 -40.61 20.79 -3.99
N MET F 18 -40.06 19.70 -3.47
CA MET F 18 -38.61 19.50 -3.51
C MET F 18 -38.14 19.40 -4.95
N GLU F 19 -39.02 18.92 -5.82
CA GLU F 19 -38.68 18.80 -7.22
C GLU F 19 -38.59 20.17 -7.89
N THR F 20 -39.44 21.11 -7.44
CA THR F 20 -39.35 22.47 -7.94
C THR F 20 -38.12 23.15 -7.36
N LEU F 21 -37.74 22.75 -6.16
CA LEU F 21 -36.58 23.35 -5.49
C LEU F 21 -35.28 23.03 -6.21
N LEU F 22 -35.19 21.85 -6.82
CA LEU F 22 -34.01 21.46 -7.58
C LEU F 22 -33.81 22.36 -8.80
N ALA F 23 -34.92 22.79 -9.40
CA ALA F 23 -34.87 23.70 -10.53
C ALA F 23 -34.34 25.06 -10.09
N THR F 24 -34.71 25.46 -8.88
CA THR F 24 -34.26 26.73 -8.32
C THR F 24 -32.77 26.70 -8.04
N PHE F 25 -32.28 25.55 -7.57
CA PHE F 25 -30.86 25.35 -7.31
C PHE F 25 -30.03 25.55 -8.56
N GLY F 26 -30.62 25.25 -9.71
CA GLY F 26 -29.92 25.32 -10.98
C GLY F 26 -29.48 26.70 -11.46
N GLU F 27 -30.42 27.64 -11.59
CA GLU F 27 -30.13 28.95 -12.19
C GLU F 27 -29.15 29.73 -11.36
N ALA F 28 -29.18 29.52 -10.06
CA ALA F 28 -28.25 30.18 -9.17
C ALA F 28 -26.85 29.59 -9.32
N PHE F 29 -26.79 28.33 -9.76
CA PHE F 29 -25.50 27.66 -9.89
C PHE F 29 -25.06 27.54 -11.34
N ASN F 30 -25.95 27.91 -12.27
CA ASN F 30 -25.67 27.83 -13.70
C ASN F 30 -25.25 26.42 -14.13
N ASP F 31 -26.01 25.44 -13.65
CA ASP F 31 -25.71 24.03 -13.89
C ASP F 31 -26.95 23.19 -13.62
N MET F 32 -27.75 22.99 -14.67
CA MET F 32 -29.02 22.27 -14.56
C MET F 32 -29.02 20.77 -14.84
N GLU F 33 -28.09 20.29 -15.66
CA GLU F 33 -28.08 18.88 -15.95
C GLU F 33 -27.77 18.13 -14.65
N THR F 34 -27.08 18.80 -13.75
CA THR F 34 -26.78 18.26 -12.43
C THR F 34 -28.04 18.20 -11.55
N TYR F 35 -28.80 19.28 -11.55
CA TYR F 35 -29.93 19.40 -10.63
C TYR F 35 -31.28 19.02 -11.26
N THR F 36 -31.36 19.01 -12.58
CA THR F 36 -32.62 18.66 -13.25
C THR F 36 -32.46 17.67 -14.40
N GLY F 37 -31.24 17.47 -14.87
CA GLY F 37 -30.99 16.58 -15.98
C GLY F 37 -31.24 15.13 -15.62
N ASN F 38 -30.70 14.71 -14.49
CA ASN F 38 -30.81 13.34 -14.00
C ASN F 38 -31.47 13.34 -12.62
N ARG F 39 -32.76 13.06 -12.56
CA ARG F 39 -33.49 13.24 -11.30
C ARG F 39 -34.05 11.95 -10.71
N PRO F 40 -33.90 11.80 -9.39
CA PRO F 40 -34.33 10.62 -8.63
C PRO F 40 -35.83 10.34 -8.73
N ARG F 41 -36.22 9.07 -8.60
CA ARG F 41 -37.62 8.70 -8.53
C ARG F 41 -38.27 9.34 -7.30
N GLY F 42 -39.59 9.48 -7.34
CA GLY F 42 -40.32 10.02 -6.22
C GLY F 42 -40.14 9.18 -4.98
N ALA F 43 -39.88 7.89 -5.19
CA ALA F 43 -39.62 6.97 -4.08
C ALA F 43 -38.34 7.37 -3.34
N TYR F 44 -37.24 7.46 -4.07
CA TYR F 44 -35.94 7.82 -3.48
C TYR F 44 -35.99 9.14 -2.71
N SER F 45 -36.59 10.15 -3.33
CA SER F 45 -36.68 11.48 -2.73
C SER F 45 -37.44 11.45 -1.41
N ARG F 46 -38.46 10.62 -1.32
CA ARG F 46 -39.26 10.57 -0.11
C ARG F 46 -38.49 9.93 1.04
N ARG F 47 -37.79 8.83 0.79
CA ARG F 47 -37.06 8.17 1.87
C ARG F 47 -35.91 9.08 2.34
N LEU F 48 -35.42 9.94 1.46
CA LEU F 48 -34.43 10.93 1.86
C LEU F 48 -35.05 11.96 2.79
N LEU F 49 -36.25 12.40 2.46
CA LEU F 49 -36.97 13.33 3.33
C LEU F 49 -37.46 12.68 4.61
N GLU F 50 -37.72 11.38 4.52
CA GLU F 50 -38.09 10.61 5.70
C GLU F 50 -36.92 10.45 6.67
N SER F 51 -35.70 10.68 6.16
CA SER F 51 -34.50 10.45 6.96
C SER F 51 -34.31 11.52 8.03
N ASP F 52 -33.65 11.11 9.12
CA ASP F 52 -33.38 11.96 10.26
C ASP F 52 -32.43 13.12 9.96
N TYR F 53 -31.42 12.84 9.16
CA TYR F 53 -30.28 13.74 9.00
C TYR F 53 -30.45 14.76 7.87
N PHE F 54 -31.40 14.52 6.97
CA PHE F 54 -31.56 15.43 5.83
C PHE F 54 -32.54 16.55 6.12
N ILE F 55 -32.14 17.77 5.76
CA ILE F 55 -32.97 18.95 5.94
C ILE F 55 -33.05 19.76 4.65
N ALA F 56 -34.27 19.97 4.16
CA ALA F 56 -34.49 20.78 2.97
C ALA F 56 -35.41 21.95 3.29
N LEU F 57 -34.89 23.17 3.14
CA LEU F 57 -35.66 24.36 3.38
C LEU F 57 -36.00 25.04 2.06
N ALA F 58 -37.23 25.54 1.96
CA ALA F 58 -37.67 26.23 0.75
C ALA F 58 -38.19 27.61 1.08
N ALA F 59 -37.61 28.62 0.46
CA ALA F 59 -38.06 29.99 0.63
C ALA F 59 -39.15 30.32 -0.38
N LEU F 60 -40.38 30.45 0.12
CA LEU F 60 -41.52 30.70 -0.75
C LEU F 60 -42.01 32.13 -0.65
N GLU F 61 -42.15 32.76 -1.80
CA GLU F 61 -42.82 34.05 -1.86
C GLU F 61 -43.83 34.04 -3.00
N TYR F 62 -45.07 34.37 -2.66
CA TYR F 62 -46.12 34.54 -3.65
C TYR F 62 -46.46 33.22 -4.34
N GLY F 63 -46.29 32.11 -3.61
CA GLY F 63 -46.56 30.78 -4.13
C GLY F 63 -45.39 30.24 -4.92
N GLU F 64 -44.39 31.10 -5.16
CA GLU F 64 -43.23 30.73 -5.96
C GLU F 64 -41.99 30.54 -5.09
N ILE F 65 -41.18 29.54 -5.44
CA ILE F 65 -39.92 29.33 -4.75
C ILE F 65 -38.94 30.41 -5.13
N VAL F 66 -38.47 31.15 -4.14
CA VAL F 66 -37.52 32.24 -4.38
C VAL F 66 -36.18 31.90 -3.74
N GLY F 67 -36.10 30.71 -3.15
CA GLY F 67 -34.86 30.27 -2.52
C GLY F 67 -34.94 28.90 -1.88
N GLY F 68 -33.78 28.36 -1.54
CA GLY F 68 -33.72 27.03 -0.96
C GLY F 68 -32.43 26.71 -0.21
N LEU F 69 -32.49 25.64 0.57
CA LEU F 69 -31.35 25.20 1.36
C LEU F 69 -31.41 23.69 1.55
N ALA F 70 -30.27 23.04 1.43
CA ALA F 70 -30.17 21.60 1.68
C ALA F 70 -29.02 21.33 2.63
N ALA F 71 -29.34 20.75 3.79
CA ALA F 71 -28.34 20.52 4.82
C ALA F 71 -28.37 19.09 5.36
N TYR F 72 -27.26 18.67 5.94
CA TYR F 72 -27.16 17.35 6.55
C TYR F 72 -26.81 17.46 8.03
N GLU F 73 -27.61 16.84 8.89
CA GLU F 73 -27.29 16.80 10.31
C GLU F 73 -26.30 15.69 10.58
N LEU F 74 -25.13 16.05 11.11
CA LEU F 74 -24.09 15.06 11.37
C LEU F 74 -24.06 14.69 12.86
N LYS F 75 -24.72 13.58 13.20
CA LYS F 75 -24.70 13.06 14.56
C LYS F 75 -23.30 12.57 14.87
N LYS F 76 -22.68 13.16 15.89
CA LYS F 76 -21.27 12.93 16.15
C LYS F 76 -20.97 11.77 17.11
N PHE F 77 -19.71 11.36 17.13
CA PHE F 77 -19.29 10.11 17.75
C PHE F 77 -18.47 10.29 19.02
N GLU F 78 -17.76 11.42 19.11
CA GLU F 78 -16.88 11.63 20.26
C GLU F 78 -17.66 12.18 21.46
N GLN F 79 -18.75 12.89 21.18
CA GLN F 79 -19.65 13.38 22.21
C GLN F 79 -21.09 13.38 21.71
N GLU F 80 -22.03 13.39 22.64
CA GLU F 80 -23.45 13.43 22.29
C GLU F 80 -23.86 14.81 21.80
N ARG F 81 -23.48 15.14 20.57
CA ARG F 81 -23.81 16.42 19.97
C ARG F 81 -24.01 16.26 18.47
N SER F 82 -24.46 17.33 17.81
CA SER F 82 -24.73 17.27 16.38
C SER F 82 -24.28 18.54 15.66
N GLU F 83 -23.83 18.37 14.42
CA GLU F 83 -23.41 19.49 13.60
C GLU F 83 -24.19 19.50 12.28
N ILE F 84 -24.81 20.63 11.97
CA ILE F 84 -25.56 20.75 10.73
C ILE F 84 -24.67 21.28 9.60
N TYR F 85 -24.53 20.48 8.55
CA TYR F 85 -23.66 20.82 7.43
C TYR F 85 -24.48 21.24 6.20
N ILE F 86 -24.45 22.53 5.91
CA ILE F 86 -25.15 23.04 4.73
C ILE F 86 -24.38 22.70 3.46
N TYR F 87 -25.00 21.92 2.58
CA TYR F 87 -24.34 21.54 1.34
C TYR F 87 -24.55 22.61 0.27
N ASP F 88 -25.80 22.96 0.02
CA ASP F 88 -26.13 23.95 -1.01
C ASP F 88 -27.10 25.01 -0.51
N LEU F 89 -26.74 26.27 -0.74
CA LEU F 89 -27.61 27.39 -0.44
C LEU F 89 -27.77 28.22 -1.71
N ALA F 90 -29.00 28.29 -2.20
CA ALA F 90 -29.27 29.06 -3.41
C ALA F 90 -30.64 29.72 -3.39
N VAL F 91 -30.62 30.91 -4.03
CA VAL F 91 -31.68 31.96 -4.16
C VAL F 91 -31.99 32.42 -5.63
N ALA F 92 -33.26 32.61 -6.01
CA ALA F 92 -33.45 33.03 -7.41
C ALA F 92 -32.86 34.43 -7.45
N LYS F 93 -32.04 34.77 -8.43
CA LYS F 93 -31.39 36.09 -8.48
C LYS F 93 -32.28 37.34 -8.57
N ALA F 94 -33.49 37.22 -9.08
CA ALA F 94 -34.36 38.38 -9.17
C ALA F 94 -34.66 38.89 -7.76
N HIS F 95 -34.56 37.99 -6.79
CA HIS F 95 -34.89 38.28 -5.41
C HIS F 95 -33.70 38.45 -4.49
N ARG F 96 -32.58 38.90 -4.99
CA ARG F 96 -31.40 38.92 -4.14
C ARG F 96 -31.02 40.24 -3.42
N ARG F 97 -30.29 40.07 -2.31
CA ARG F 97 -29.81 41.19 -1.50
C ARG F 97 -30.86 41.73 -0.52
N ARG F 98 -31.98 41.02 -0.40
CA ARG F 98 -33.07 41.44 0.48
C ARG F 98 -33.33 40.47 1.64
N GLY F 99 -32.30 39.89 2.26
CA GLY F 99 -32.54 39.22 3.56
C GLY F 99 -33.11 37.78 3.55
N ILE F 100 -33.08 37.28 2.36
CA ILE F 100 -33.58 35.99 1.91
C ILE F 100 -32.69 34.84 2.39
N ALA F 101 -31.38 35.07 2.43
CA ALA F 101 -30.46 34.05 2.88
C ALA F 101 -30.34 34.03 4.40
N THR F 102 -30.52 35.19 4.96
CA THR F 102 -30.48 35.31 6.35
C THR F 102 -31.66 34.53 6.92
N ALA F 103 -32.86 34.63 6.35
CA ALA F 103 -34.07 33.91 6.71
C ALA F 103 -33.88 32.40 6.64
N LEU F 104 -33.16 31.94 5.61
CA LEU F 104 -32.88 30.52 5.45
C LEU F 104 -31.98 30.00 6.57
N ILE F 105 -30.99 30.81 6.95
CA ILE F 105 -30.05 30.44 8.00
C ILE F 105 -30.70 30.54 9.37
N GLU F 106 -31.42 31.63 9.63
CA GLU F 106 -32.03 31.82 10.95
C GLU F 106 -33.12 30.75 11.18
N LYS F 107 -33.78 30.33 10.11
CA LYS F 107 -34.76 29.24 10.24
C LYS F 107 -34.06 27.93 10.56
N LEU F 108 -32.90 27.71 9.96
CA LEU F 108 -32.15 26.47 10.15
C LEU F 108 -31.56 26.40 11.55
N LYS F 109 -31.07 27.52 12.06
CA LYS F 109 -30.44 27.54 13.37
C LYS F 109 -31.49 27.42 14.48
N GLU F 110 -32.74 27.80 14.17
CA GLU F 110 -33.83 27.65 15.12
C GLU F 110 -34.26 26.19 15.18
N LEU F 111 -34.34 25.59 14.00
CA LEU F 111 -34.58 24.17 13.77
C LEU F 111 -33.46 23.33 14.36
N GLY F 112 -32.24 23.81 14.18
CA GLY F 112 -31.06 23.12 14.66
C GLY F 112 -31.04 23.11 16.18
N ALA F 113 -31.51 24.20 16.77
CA ALA F 113 -31.57 24.30 18.22
C ALA F 113 -32.67 23.40 18.77
N ALA F 114 -33.76 23.28 18.02
CA ALA F 114 -34.87 22.42 18.40
C ALA F 114 -34.49 20.95 18.22
N ARG F 115 -33.52 20.71 17.35
CA ARG F 115 -33.06 19.36 17.06
C ARG F 115 -31.95 18.93 18.02
N GLY F 116 -31.19 19.90 18.51
CA GLY F 116 -30.14 19.62 19.48
C GLY F 116 -28.74 19.93 19.00
N ALA F 117 -28.61 20.35 17.74
CA ALA F 117 -27.32 20.68 17.18
C ALA F 117 -26.73 21.91 17.87
N TYR F 118 -25.41 22.08 17.79
CA TYR F 118 -24.78 23.20 18.48
C TYR F 118 -24.11 24.19 17.52
N VAL F 119 -23.72 23.72 16.34
CA VAL F 119 -23.17 24.62 15.32
C VAL F 119 -23.69 24.29 13.92
N ILE F 120 -23.41 25.18 12.97
CA ILE F 120 -23.79 24.97 11.58
C ILE F 120 -22.60 25.17 10.65
N PHE F 121 -22.27 24.15 9.88
CA PHE F 121 -21.13 24.23 8.96
C PHE F 121 -21.60 24.57 7.56
N VAL F 122 -20.69 25.15 6.77
CA VAL F 122 -21.02 25.63 5.43
C VAL F 122 -19.78 26.16 4.73
N GLN F 123 -19.75 26.10 3.40
CA GLN F 123 -18.55 26.42 2.65
C GLN F 123 -18.75 27.40 1.51
N ALA F 124 -17.69 28.08 1.11
CA ALA F 124 -17.83 28.98 0.02
C ALA F 124 -16.60 28.90 -0.85
N ASP F 125 -16.84 28.94 -2.15
CA ASP F 125 -15.79 28.89 -3.16
C ASP F 125 -15.00 30.19 -3.16
N THR F 126 -13.71 30.08 -3.43
CA THR F 126 -12.82 31.24 -3.47
C THR F 126 -12.95 32.20 -4.64
N ALA F 127 -13.66 31.76 -5.68
CA ALA F 127 -13.87 32.54 -6.90
C ALA F 127 -14.54 33.88 -6.67
N ILE F 128 -14.48 34.74 -7.69
CA ILE F 128 -14.79 36.15 -7.57
C ILE F 128 -16.29 36.40 -7.64
N GLU F 129 -17.05 35.36 -8.00
CA GLU F 129 -18.49 35.52 -8.08
C GLU F 129 -19.11 35.18 -6.73
N ASP F 130 -18.31 34.62 -5.83
CA ASP F 130 -18.77 34.10 -4.55
C ASP F 130 -18.72 35.03 -3.38
N GLU F 131 -18.48 36.29 -3.63
CA GLU F 131 -18.13 37.12 -2.47
C GLU F 131 -19.33 37.47 -1.58
N PRO F 132 -20.46 37.82 -2.17
CA PRO F 132 -21.69 38.11 -1.39
C PRO F 132 -21.93 37.00 -0.37
N ALA F 133 -21.71 35.78 -0.74
CA ALA F 133 -21.77 34.70 0.20
C ALA F 133 -20.78 34.90 1.32
N ILE F 134 -19.64 35.42 0.93
CA ILE F 134 -18.57 35.44 1.86
C ILE F 134 -18.95 36.49 2.88
N ALA F 135 -19.51 37.59 2.38
CA ALA F 135 -19.89 38.59 3.36
C ALA F 135 -21.03 38.11 4.18
N LEU F 136 -21.92 37.35 3.55
CA LEU F 136 -23.11 36.81 4.23
C LEU F 136 -22.81 35.89 5.40
N TYR F 137 -21.85 34.98 5.21
CA TYR F 137 -21.45 34.08 6.32
C TYR F 137 -20.61 34.73 7.36
N SER F 138 -19.87 35.73 6.93
CA SER F 138 -18.88 36.44 7.72
C SER F 138 -19.33 37.12 9.02
N LYS F 139 -20.55 37.64 9.05
CA LYS F 139 -21.07 38.25 10.26
C LYS F 139 -21.84 37.23 11.13
N LEU F 140 -21.72 35.95 10.79
CA LEU F 140 -22.40 34.90 11.54
C LEU F 140 -21.41 34.05 12.32
N GLY F 141 -20.37 33.57 11.64
CA GLY F 141 -19.35 32.76 12.25
C GLY F 141 -17.98 33.08 11.69
N VAL F 142 -16.95 32.95 12.52
CA VAL F 142 -15.59 33.23 12.09
C VAL F 142 -15.08 32.17 11.11
N ARG F 143 -14.33 32.63 10.10
CA ARG F 143 -13.78 31.75 9.13
C ARG F 143 -12.36 31.27 9.35
N GLU F 144 -11.97 30.32 8.54
CA GLU F 144 -10.61 29.87 8.42
C GLU F 144 -10.58 29.17 7.11
N GLU F 145 -9.42 29.04 6.48
CA GLU F 145 -9.41 28.30 5.18
C GLU F 145 -9.11 26.79 5.36
N VAL F 146 -9.54 25.98 4.39
CA VAL F 146 -9.54 24.56 4.31
C VAL F 146 -9.31 24.12 2.87
N LEU F 147 -8.49 23.09 2.73
CA LEU F 147 -8.23 22.50 1.44
C LEU F 147 -9.21 21.37 1.16
N HIS F 148 -9.89 21.43 0.04
CA HIS F 148 -10.86 20.42 -0.27
C HIS F 148 -10.36 19.50 -1.34
N PHE F 149 -10.38 18.22 -1.02
CA PHE F 149 -9.89 17.20 -1.93
C PHE F 149 -11.01 16.24 -2.34
N ASP F 150 -11.21 16.10 -3.64
CA ASP F 150 -12.19 15.14 -4.15
C ASP F 150 -11.50 13.85 -4.58
N ILE F 151 -11.65 12.81 -3.76
CA ILE F 151 -11.00 11.53 -4.03
C ILE F 151 -11.95 10.58 -4.76
N PRO F 152 -11.57 10.17 -5.98
CA PRO F 152 -12.40 9.25 -6.78
C PRO F 152 -12.48 7.87 -6.14
N VAL F 153 -13.66 7.29 -6.10
CA VAL F 153 -13.85 5.97 -5.49
C VAL F 153 -13.07 4.91 -6.27
N SER F 154 -13.15 4.99 -7.60
CA SER F 154 -12.26 4.25 -8.50
C SER F 154 -12.50 4.67 -9.95
N1A COA G . 7.50 -34.19 22.64
N1A COA G . 7.49 -34.19 22.62
C2A COA G . 7.60 -32.86 22.85
C2A COA G . 7.58 -32.85 22.82
N3A COA G . 8.30 -32.04 22.04
N3A COA G . 8.29 -32.03 22.03
C4A COA G . 8.92 -32.56 20.99
C4A COA G . 8.92 -32.56 20.99
C5A COA G . 8.85 -33.88 20.75
C5A COA G . 8.85 -33.87 20.75
C6A COA G . 8.11 -34.71 21.57
C6A COA G . 8.11 -34.70 21.57
N6A COA G . 7.82 -36.09 21.61
N6A COA G . 7.82 -36.08 21.60
N7A COA G . 9.54 -34.10 19.64
N7A COA G . 9.54 -34.10 19.66
C8A COA G . 10.03 -32.94 19.25
C8A COA G . 10.04 -32.94 19.25
N9A COA G . 9.66 -31.99 20.07
N9A COA G . 9.66 -31.99 20.08
C1B COA G . 9.96 -30.64 20.03
C1B COA G . 9.97 -30.65 20.04
C2B COA G . 10.81 -30.26 20.97
C2B COA G . 10.79 -30.26 20.98
O2B COA G . 10.57 -28.84 21.26
O2B COA G . 10.58 -28.84 21.25
C3B COA G . 12.16 -30.46 20.29
C3B COA G . 12.16 -30.49 20.31
O3B COA G . 13.19 -29.83 20.83
O3B COA G . 13.18 -29.87 20.84
P3B COA G . 13.95 -30.46 22.07
P3B COA G . 13.94 -30.51 22.07
O7A COA G . 15.20 -29.79 22.24
O7A COA G . 15.18 -29.81 22.23
O8A COA G . 13.11 -30.18 23.24
O8A COA G . 13.11 -30.26 23.25
O9A COA G . 14.14 -31.90 21.99
O9A COA G . 14.15 -31.95 21.97
C4B COA G . 11.88 -29.91 18.86
C4B COA G . 11.88 -29.91 18.88
O4B COA G . 10.69 -30.26 18.63
O4B COA G . 10.69 -30.25 18.63
C5B COA G . 12.86 -30.48 17.80
C5B COA G . 12.85 -30.47 17.80
O5B COA G . 12.85 -31.88 17.80
O5B COA G . 12.83 -31.87 17.77
P1A COA G . 13.54 -32.82 16.72
P1A COA G . 13.52 -32.81 16.71
O1A COA G . 14.52 -33.64 17.35
O1A COA G . 14.52 -33.61 17.34
O2A COA G . 14.17 -32.05 15.69
O2A COA G . 14.16 -32.04 15.67
O3A COA G . 12.43 -33.76 16.23
O3A COA G . 12.43 -33.77 16.24
P2A COA G . 12.46 -35.18 15.63
P2A COA G . 12.47 -35.19 15.62
O4A COA G . 13.64 -35.36 14.86
O4A COA G . 13.64 -35.34 14.85
O5A COA G . 12.50 -36.13 16.67
O5A COA G . 12.51 -36.14 16.64
O6A COA G . 11.17 -35.49 14.80
O6A COA G . 11.17 -35.48 14.81
CBP COA G . 8.89 -35.74 14.23
CBP COA G . 8.89 -35.74 14.23
CCP COA G . 9.94 -34.98 15.06
CCP COA G . 9.94 -34.97 15.06
CDP COA G . 9.20 -35.64 12.74
CDP COA G . 9.22 -35.65 12.74
CEP COA G . 7.51 -35.14 14.50
CEP COA G . 7.51 -35.12 14.49
CAP COA G . 8.95 -37.21 14.58
CAP COA G . 8.95 -37.21 14.59
OAP COA G . 8.52 -37.37 15.84
OAP COA G . 8.51 -37.36 15.85
C9P COA G . 8.19 -38.13 13.67
C9P COA G . 8.19 -38.13 13.68
O9P COA G . 8.66 -38.55 12.67
O9P COA G . 8.66 -38.54 12.68
N8P COA G . 6.89 -38.50 14.03
N8P COA G . 6.90 -38.52 14.04
C7P COA G . 6.10 -39.38 13.30
C7P COA G . 6.12 -39.40 13.31
C6P COA G . 5.54 -38.81 11.99
C6P COA G . 5.55 -38.83 12.01
C5P COA G . 4.93 -37.39 12.12
C5P COA G . 4.92 -37.43 12.12
O5P COA G . 4.17 -37.09 13.00
O5P COA G . 4.18 -37.11 13.01
N4P COA G . 5.29 -36.44 11.12
N4P COA G . 5.23 -36.51 11.08
C3P COA G . 4.81 -35.11 11.04
C3P COA G . 4.73 -35.18 10.95
C2P COA G . 3.59 -35.04 10.09
C2P COA G . 3.56 -35.17 9.93
S1P COA G . 3.23 -33.37 9.57
S1P COA G . 4.08 -35.47 8.23
O1 PG4 H . 0.53 -38.14 8.49
O1 PG4 H . -0.49 -38.93 6.62
C1 PG4 H . 1.03 -38.13 7.15
C1 PG4 H . 0.74 -38.55 5.99
C2 PG4 H . 1.72 -36.80 6.87
C2 PG4 H . 1.51 -37.59 6.90
O2 PG4 H . 0.90 -36.01 5.99
O2 PG4 H . 0.73 -36.40 7.09
C3 PG4 H . 1.33 -34.65 6.02
C3 PG4 H . 1.12 -35.42 6.12
C4 PG4 H . 0.76 -33.95 7.25
C4 PG4 H . 0.87 -34.03 6.66
O3 PG4 H . -0.51 -34.54 7.58
O3 PG4 H . -0.17 -34.08 7.64
C5 PG4 H . -1.56 -33.76 6.98
C5 PG4 H . -1.41 -34.44 7.00
C6 PG4 H . -1.46 -33.88 5.46
C6 PG4 H . -1.84 -33.34 6.04
O4 PG4 H . -2.19 -35.03 5.02
O4 PG4 H . -1.81 -33.83 4.70
C7 PG4 H . -3.57 -34.68 4.84
C7 PG4 H . -2.81 -34.83 4.53
C8 PG4 H . -3.71 -33.68 3.71
C8 PG4 H . -3.96 -34.26 3.71
O5 PG4 H . -4.04 -34.37 2.50
O5 PG4 H . -5.20 -34.44 4.42
N1A COA I . -24.99 -20.28 3.40
C2A COA I . -25.69 -21.46 3.50
N3A COA I . -25.42 -22.49 2.64
C4A COA I . -24.44 -22.34 1.68
C5A COA I . -23.76 -21.18 1.59
C6A COA I . -24.04 -20.14 2.46
N6A COA I . -23.50 -18.80 2.60
N7A COA I . -22.88 -21.30 0.57
C8A COA I . -23.01 -22.53 0.04
N9A COA I . -23.98 -23.18 0.73
C1B COA I . -24.39 -24.47 0.45
C2B COA I . -25.63 -24.47 0.00
O2B COA I . -26.37 -25.63 0.56
C3B COA I . -25.51 -24.61 -1.54
O3B COA I . -26.56 -25.28 -2.03
P3B COA I . -27.48 -24.55 -3.11
O7A COA I . -26.61 -23.85 -4.12
O8A COA I . -28.37 -23.55 -2.41
O9A COA I . -28.35 -25.60 -3.81
C4B COA I . -24.18 -25.43 -1.75
O4B COA I . -23.43 -25.14 -0.73
C5B COA I . -23.49 -25.01 -3.06
O5B COA I . -22.68 -23.86 -2.82
P1A COA I . -22.44 -22.83 -4.04
O1A COA I . -23.72 -22.07 -4.32
O2A COA I . -22.04 -23.59 -5.27
O3A COA I . -21.29 -21.81 -3.64
P2A COA I . -21.30 -20.27 -4.05
O4A COA I . -21.21 -20.14 -5.57
O5A COA I . -22.58 -19.61 -3.56
O6A COA I . -20.03 -19.53 -3.37
CBP COA I . -18.03 -19.43 -2.04
CCP COA I . -19.34 -20.19 -2.36
CDP COA I . -16.97 -19.76 -3.11
CEP COA I . -17.49 -19.87 -0.65
CAP COA I . -18.30 -17.93 -2.04
OAP COA I . -19.18 -17.62 -0.99
C9P COA I . -17.00 -17.19 -1.85
O9P COA I . -16.26 -17.00 -2.81
N8P COA I . -16.64 -16.69 -0.56
C7P COA I . -15.41 -15.98 -0.38
C6P COA I . -14.84 -16.27 1.03
C5P COA I . -13.91 -17.50 0.97
O5P COA I . -13.01 -17.63 1.79
N4P COA I . -14.11 -18.51 -0.06
C3P COA I . -13.23 -19.66 -0.11
C2P COA I . -11.77 -19.19 -0.15
S1P COA I . -10.78 -20.38 -1.04
N1A COA J . 46.17 6.19 -1.16
N1A COA J . 46.19 6.19 -1.15
C2A COA J . 46.33 6.22 -2.50
C2A COA J . 46.36 6.22 -2.49
N3A COA J . 45.55 5.55 -3.36
N3A COA J . 45.57 5.55 -3.34
C4A COA J . 44.56 4.81 -2.83
C4A COA J . 44.57 4.81 -2.82
C5A COA J . 44.38 4.75 -1.51
C5A COA J . 44.40 4.75 -1.50
C6A COA J . 45.19 5.44 -0.66
C6A COA J . 45.22 5.44 -0.64
N6A COA J . 45.24 5.58 0.75
N6A COA J . 45.27 5.59 0.75
N7A COA J . 43.35 3.95 -1.28
N7A COA J . 43.37 3.96 -1.27
C8A COA J . 42.90 3.49 -2.46
C8A COA J . 42.91 3.50 -2.45
N9A COA J . 43.65 4.04 -3.42
N9A COA J . 43.67 4.04 -3.41
C1B COA J . 43.54 3.85 -4.77
C1B COA J . 43.54 3.85 -4.76
C2B COA J . 44.46 3.07 -5.27
C2B COA J . 44.46 3.06 -5.25
O2B COA J . 44.62 3.38 -6.66
O2B COA J . 44.61 3.36 -6.66
C3B COA J . 43.85 1.68 -5.21
C3B COA J . 43.84 1.69 -5.20
O3B COA J . 44.35 0.84 -6.08
O3B COA J . 44.33 0.84 -6.07
P3B COA J . 45.72 0.11 -5.86
P3B COA J . 45.70 0.11 -5.85
O7A COA J . 45.81 -0.92 -6.89
O7A COA J . 45.77 -0.94 -6.86
O8A COA J . 46.80 1.07 -6.05
O8A COA J . 46.79 1.05 -6.04
O9A COA J . 45.89 -0.48 -4.50
O9A COA J . 45.86 -0.46 -4.49
C4B COA J . 42.35 2.05 -5.56
C4B COA J . 42.34 2.06 -5.55
O4B COA J . 42.10 3.21 -5.09
O4B COA J . 42.10 3.22 -5.05
C5B COA J . 41.39 1.02 -4.92
C5B COA J . 41.38 1.03 -4.91
O5B COA J . 41.66 0.78 -3.57
O5B COA J . 41.65 0.78 -3.56
P1A COA J . 40.69 -0.10 -2.74
P1A COA J . 40.69 -0.10 -2.74
O1A COA J . 41.49 -1.07 -2.05
O1A COA J . 41.47 -1.07 -2.06
O2A COA J . 39.77 -0.74 -3.61
O2A COA J . 39.77 -0.75 -3.61
O3A COA J . 40.10 0.80 -1.67
O3A COA J . 40.10 0.80 -1.67
P2A COA J . 39.78 0.42 -0.22
P2A COA J . 39.77 0.42 -0.22
O4A COA J . 39.17 -0.85 -0.17
O4A COA J . 39.17 -0.85 -0.19
O5A COA J . 40.96 0.47 0.55
O5A COA J . 40.94 0.48 0.55
O6A COA J . 38.92 1.55 0.41
O6A COA J . 38.92 1.55 0.41
CBP COA J . 38.17 3.70 1.03
CBP COA J . 38.18 3.71 1.02
CCP COA J . 39.03 2.86 0.06
CCP COA J . 39.03 2.86 0.06
CDP COA J . 36.74 3.23 1.01
CDP COA J . 36.73 3.24 0.99
CEP COA J . 38.19 5.17 0.60
CEP COA J . 38.21 5.18 0.58
CAP COA J . 38.78 3.55 2.40
CAP COA J . 38.77 3.56 2.38
OAP COA J . 39.96 4.22 2.40
OAP COA J . 39.96 4.22 2.40
C9P COA J . 37.92 4.13 3.48
C9P COA J . 37.92 4.14 3.46
O9P COA J . 37.05 3.52 3.96
O9P COA J . 37.04 3.53 3.94
N8P COA J . 38.17 5.42 3.99
N8P COA J . 38.18 5.42 4.00
C7P COA J . 37.42 6.00 5.03
C7P COA J . 37.44 5.97 5.04
C6P COA J . 36.05 6.57 4.65
C6P COA J . 36.09 6.61 4.69
C5P COA J . 35.94 7.34 3.31
C5P COA J . 35.99 7.34 3.34
O5P COA J . 36.76 8.17 2.97
O5P COA J . 36.79 8.17 2.97
N4P COA J . 34.79 7.04 2.51
N4P COA J . 34.86 7.00 2.55
C3P COA J . 34.50 7.64 1.25
C3P COA J . 34.57 7.54 1.28
C2P COA J . 33.03 8.14 1.16
C2P COA J . 33.48 8.60 1.51
S1P COA J . 32.66 8.62 -0.52
S1P COA J . 31.86 7.85 1.38
N1A COA K . 23.70 38.25 -8.34
C2A COA K . 23.98 38.34 -7.01
N3A COA K . 23.17 37.85 -6.05
C4A COA K . 22.06 37.23 -6.44
C5A COA K . 21.74 37.12 -7.73
C6A COA K . 22.58 37.63 -8.70
N6A COA K . 22.58 37.66 -10.11
N7A COA K . 20.61 36.45 -7.80
C8A COA K . 20.23 36.20 -6.56
N9A COA K . 21.12 36.68 -5.72
C1B COA K . 21.10 36.64 -4.34
C2B COA K . 20.87 37.79 -3.78
O2B COA K . 21.47 37.80 -2.43
C3B COA K . 19.34 37.80 -3.69
O3B COA K . 18.81 38.65 -2.86
P3B COA K . 18.55 40.14 -3.30
O7A COA K . 17.66 40.75 -2.34
O8A COA K . 19.84 40.82 -3.24
O9A COA K . 18.03 40.29 -4.66
C4B COA K . 19.07 36.33 -3.19
O4B COA K . 19.93 35.64 -3.79
C5B COA K . 17.63 35.83 -3.52
O5B COA K . 17.36 35.95 -4.89
P1A COA K . 16.09 35.39 -5.65
O1A COA K . 15.34 36.46 -6.21
O2A COA K . 15.23 34.66 -4.76
O3A COA K . 16.65 34.59 -6.83
P2A COA K . 16.05 34.19 -8.21
O4A COA K . 14.66 34.02 -8.10
O5A COA K . 16.28 35.23 -9.13
O6A COA K . 16.77 32.94 -8.79
CBP COA K . 18.46 31.48 -9.55
CCP COA K . 18.07 32.59 -8.57
CDP COA K . 17.54 30.26 -9.39
CEP COA K . 19.91 31.05 -9.26
CAP COA K . 18.28 31.96 -10.98
OAP COA K . 19.19 32.92 -11.22
C9P COA K . 18.35 30.91 -12.04
O9P COA K . 17.43 30.26 -12.35
N8P COA K . 19.57 30.74 -12.71
C7P COA K . 19.75 29.83 -13.75
C6P COA K . 19.79 28.37 -13.34
C5P COA K . 20.67 28.05 -12.10
O5P COA K . 21.78 28.49 -11.96
N4P COA K . 20.12 27.15 -11.14
C3P COA K . 20.78 26.69 -9.96
C2P COA K . 21.35 25.27 -10.21
S1P COA K . 20.09 24.00 -10.39
N1A COA L . -22.70 42.19 -1.88
C2A COA L . -22.22 42.53 -0.66
N3A COA L . -22.74 42.01 0.47
C4A COA L . -23.76 41.10 0.38
C5A COA L . -24.24 40.77 -0.82
C6A COA L . -23.70 41.31 -1.97
N6A COA L . -23.99 41.15 -3.36
N7A COA L . -25.23 39.88 -0.65
C8A COA L . -25.37 39.69 0.68
N9A COA L . -24.45 40.43 1.31
C1B COA L . -24.34 40.52 2.68
C2B COA L . -24.83 41.70 2.99
O2B COA L . -24.39 42.11 4.34
C3B COA L . -26.33 41.39 3.00
O3B COA L . -27.09 42.40 3.39
P3B COA L . -27.69 43.34 2.24
O7A COA L . -27.85 44.71 2.83
O8A COA L . -26.83 43.37 1.01
O9A COA L . -29.06 42.85 1.84
C4B COA L . -26.33 40.15 3.94
O4B COA L . -25.39 39.46 3.38
C5B COA L . -27.63 39.37 3.80
O5B COA L . -27.90 39.06 2.45
P1A COA L . -29.21 38.20 2.14
O1A COA L . -30.22 39.08 1.46
O2A COA L . -29.71 37.67 3.47
O3A COA L . -28.89 37.01 1.23
P2A COA L . -29.39 36.93 -0.22
O4A COA L . -29.23 38.28 -0.75
O5A COA L . -30.78 36.44 -0.29
O6A COA L . -28.51 35.93 -1.12
CBP COA L . -26.82 34.34 -1.57
CCP COA L . -27.15 35.70 -0.93
CDP COA L . -25.48 33.79 -1.03
CEP COA L . -27.90 33.31 -1.15
CAP COA L . -26.78 34.55 -3.07
OAP COA L . -25.48 34.83 -3.51
C9P COA L . -27.19 33.40 -3.90
O9P COA L . -28.27 32.89 -3.80
N8P COA L . -26.26 32.91 -4.83
C7P COA L . -26.62 31.83 -5.65
C6P COA L . -25.90 30.51 -5.21
C5P COA L . -24.80 30.71 -4.13
O5P COA L . -23.89 31.48 -4.40
N4P COA L . -24.90 29.96 -2.88
C3P COA L . -23.93 30.08 -1.81
C2P COA L . -23.06 28.81 -1.61
S1P COA L . -23.92 27.25 -1.33
#